data_6GW2
#
_entry.id   6GW2
#
_cell.length_a   79.830
_cell.length_b   87.910
_cell.length_c   108.340
_cell.angle_alpha   90.00
_cell.angle_beta   90.00
_cell.angle_gamma   90.00
#
_symmetry.space_group_name_H-M   'P 21 2 21'
#
loop_
_entity.id
_entity.type
_entity.pdbx_description
1 polymer 'Capsid protein'
2 non-polymer 'TAUROCHENODEOXYCHOLIC ACID'
3 non-polymer 1,2-ETHANEDIOL
4 water water
#
_entity_poly.entity_id   1
_entity_poly.type   'polypeptide(L)'
_entity_poly.pdbx_seq_one_letter_code
;KPFTLPILTLGELTNSRFPLPIDVLYTNPNESAIVQCQNGRCTLDGELQGTTQLLPTGICAFRGKVTQQVQDEHRGTHWN
MTVTNLNGTPFDPTEDVPAPLGTPDFSGQIYGVISQRNTNTVPGEGNLPANRAHEAVIATYSPKFTPKLGNIQFSTWETQ
DVSSGQPTKFTPVGLASVDANSHFDQWTLPSYSGALTLNMNLAPSVAPVFPGECLLFFRSFIPLKGGYGNPAIDCLMPQE
WVQHLYQESAPSLSDVALVRYVNPETGRTLFEAKLHRNGFLTVARNSAGPVVAPTNGYFRFDSWVNQFYTLAPM
;
_entity_poly.pdbx_strand_id   A,B
#
loop_
_chem_comp.id
_chem_comp.type
_chem_comp.name
_chem_comp.formula
EDO non-polymer 1,2-ETHANEDIOL 'C2 H6 O2'
TUD non-polymer 'TAUROCHENODEOXYCHOLIC ACID' 'C26 H45 N O6 S'
#
# COMPACT_ATOMS: atom_id res chain seq x y z
N PRO A 2 25.54 8.50 -8.65
CA PRO A 2 26.11 7.40 -7.88
C PRO A 2 25.00 6.47 -7.37
N PHE A 3 25.35 5.22 -7.07
CA PHE A 3 24.34 4.28 -6.60
C PHE A 3 24.08 4.51 -5.11
N THR A 4 22.80 4.54 -4.75
CA THR A 4 22.38 4.67 -3.37
C THR A 4 21.21 3.74 -3.11
N LEU A 5 21.02 3.43 -1.84
CA LEU A 5 19.81 2.81 -1.35
C LEU A 5 19.09 3.78 -0.44
N PRO A 6 17.75 3.71 -0.35
CA PRO A 6 17.05 4.62 0.57
C PRO A 6 17.46 4.35 2.01
N ILE A 7 17.37 5.39 2.84
CA ILE A 7 17.63 5.25 4.27
C ILE A 7 16.28 4.92 4.91
N LEU A 8 15.97 3.63 4.98
CA LEU A 8 14.72 3.17 5.57
C LEU A 8 15.03 1.98 6.47
N THR A 9 14.63 2.07 7.74
CA THR A 9 14.71 0.93 8.63
C THR A 9 13.76 -0.17 8.17
N LEU A 10 13.89 -1.35 8.79
CA LEU A 10 13.00 -2.45 8.47
C LEU A 10 11.55 -2.08 8.74
N GLY A 11 11.30 -1.29 9.78
CA GLY A 11 9.95 -0.86 10.09
C GLY A 11 9.45 0.27 9.22
N GLU A 12 10.20 0.62 8.16
CA GLU A 12 9.79 1.63 7.20
C GLU A 12 9.71 1.05 5.79
N LEU A 13 9.69 -0.28 5.65
CA LEU A 13 9.70 -0.96 4.37
C LEU A 13 8.43 -1.81 4.21
N THR A 14 8.01 -2.02 2.98
CA THR A 14 6.84 -2.84 2.68
C THR A 14 7.22 -3.94 1.69
N ASN A 15 6.49 -5.04 1.77
CA ASN A 15 6.71 -6.16 0.87
C ASN A 15 6.35 -5.77 -0.56
N SER A 16 7.13 -6.28 -1.51
CA SER A 16 6.85 -6.03 -2.91
C SER A 16 5.98 -7.10 -3.56
N ARG A 17 5.69 -8.19 -2.83
CA ARG A 17 4.92 -9.30 -3.37
C ARG A 17 3.52 -9.42 -2.77
N PHE A 18 3.22 -8.68 -1.69
CA PHE A 18 1.88 -8.61 -1.14
C PHE A 18 1.82 -7.31 -0.34
N PRO A 19 0.66 -6.61 -0.29
CA PRO A 19 0.59 -5.36 0.48
C PRO A 19 0.71 -5.56 1.98
N LEU A 20 1.94 -5.67 2.48
CA LEU A 20 2.24 -5.99 3.86
C LEU A 20 3.49 -5.24 4.31
N PRO A 21 3.58 -4.87 5.57
CA PRO A 21 4.85 -4.35 6.08
C PRO A 21 5.89 -5.46 6.18
N ILE A 22 7.16 -5.09 6.05
CA ILE A 22 8.22 -6.06 6.32
C ILE A 22 8.27 -6.35 7.81
N ASP A 23 8.27 -7.63 8.17
CA ASP A 23 8.36 -8.01 9.58
C ASP A 23 9.78 -8.36 10.02
N VAL A 24 10.55 -9.02 9.16
CA VAL A 24 11.84 -9.56 9.56
C VAL A 24 12.66 -9.92 8.33
N LEU A 25 13.98 -9.88 8.44
CA LEU A 25 14.84 -10.49 7.44
C LEU A 25 14.94 -11.99 7.70
N TYR A 26 15.20 -12.75 6.63
CA TYR A 26 15.01 -14.18 6.71
C TYR A 26 15.94 -14.90 5.74
N THR A 27 16.47 -16.03 6.17
CA THR A 27 17.28 -16.89 5.32
C THR A 27 16.73 -18.31 5.38
N ASN A 28 16.93 -19.05 4.28
CA ASN A 28 16.56 -20.46 4.22
C ASN A 28 17.48 -21.17 3.23
N PRO A 29 18.69 -21.52 3.65
CA PRO A 29 19.65 -22.11 2.69
C PRO A 29 19.18 -23.43 2.12
N ASN A 30 18.56 -24.29 2.93
CA ASN A 30 18.12 -25.60 2.48
C ASN A 30 16.79 -25.51 1.72
N GLU A 31 16.51 -24.37 1.09
CA GLU A 31 15.34 -24.23 0.25
C GLU A 31 15.46 -25.14 -0.98
N SER A 32 14.40 -25.89 -1.26
CA SER A 32 14.42 -26.82 -2.38
C SER A 32 14.01 -26.18 -3.69
N ALA A 33 13.08 -25.22 -3.66
CA ALA A 33 12.45 -24.72 -4.87
C ALA A 33 13.33 -23.69 -5.57
N ILE A 34 13.06 -23.49 -6.86
CA ILE A 34 13.69 -22.43 -7.62
C ILE A 34 12.99 -21.11 -7.30
N VAL A 35 13.76 -20.12 -6.87
CA VAL A 35 13.20 -18.80 -6.57
C VAL A 35 13.10 -18.01 -7.87
N GLN A 36 11.88 -17.69 -8.28
CA GLN A 36 11.66 -16.94 -9.52
C GLN A 36 10.38 -16.10 -9.40
N CYS A 37 10.22 -15.41 -8.29
CA CYS A 37 9.06 -14.53 -8.15
C CYS A 37 9.11 -13.42 -9.20
N GLN A 38 7.93 -12.88 -9.51
CA GLN A 38 7.73 -11.96 -10.62
C GLN A 38 7.37 -10.54 -10.19
N ASN A 39 6.90 -10.36 -8.97
CA ASN A 39 6.74 -9.04 -8.39
C ASN A 39 7.94 -8.72 -7.52
N GLY A 40 8.19 -7.43 -7.32
CA GLY A 40 9.40 -6.99 -6.65
C GLY A 40 10.68 -7.30 -7.39
N ARG A 41 10.67 -7.22 -8.72
CA ARG A 41 11.83 -7.54 -9.54
C ARG A 41 12.28 -6.27 -10.24
N CYS A 42 13.51 -5.83 -9.96
CA CYS A 42 14.04 -4.60 -10.52
C CYS A 42 15.56 -4.70 -10.55
N THR A 43 16.16 -4.39 -11.70
CA THR A 43 17.61 -4.38 -11.75
C THR A 43 18.13 -3.17 -10.99
N LEU A 44 19.42 -3.23 -10.62
CA LEU A 44 20.01 -2.12 -9.88
C LEU A 44 20.06 -0.85 -10.70
N ASP A 45 20.05 -0.96 -12.04
CA ASP A 45 20.01 0.22 -12.90
C ASP A 45 18.58 0.64 -13.23
N GLY A 46 17.58 0.07 -12.56
CA GLY A 46 16.25 0.64 -12.60
C GLY A 46 15.29 0.03 -13.61
N GLU A 47 15.56 -1.17 -14.11
CA GLU A 47 14.68 -1.82 -15.08
C GLU A 47 13.73 -2.76 -14.32
N LEU A 48 12.43 -2.48 -14.43
CA LEU A 48 11.41 -3.34 -13.87
C LEU A 48 11.28 -4.59 -14.72
N GLN A 49 11.05 -5.74 -14.08
CA GLN A 49 10.93 -7.00 -14.78
C GLN A 49 9.76 -7.79 -14.22
N GLY A 50 9.41 -8.86 -14.92
CA GLY A 50 8.30 -9.69 -14.48
C GLY A 50 6.99 -8.94 -14.59
N THR A 51 6.18 -9.03 -13.54
CA THR A 51 4.94 -8.29 -13.46
C THR A 51 5.05 -7.08 -12.54
N THR A 52 6.27 -6.61 -12.29
CA THR A 52 6.48 -5.60 -11.28
C THR A 52 6.01 -4.24 -11.77
N GLN A 53 5.23 -3.55 -10.94
CA GLN A 53 4.86 -2.16 -11.16
C GLN A 53 5.12 -1.39 -9.86
N LEU A 54 4.96 -0.06 -9.92
CA LEU A 54 5.42 0.82 -8.85
C LEU A 54 4.44 0.99 -7.69
N LEU A 55 3.15 0.80 -7.92
CA LEU A 55 2.16 1.15 -6.89
C LEU A 55 2.12 0.09 -5.81
N PRO A 56 2.30 0.46 -4.54
CA PRO A 56 1.97 -0.47 -3.45
C PRO A 56 0.56 -1.00 -3.52
N THR A 57 -0.39 -0.19 -3.98
CA THR A 57 -1.79 -0.60 -4.08
C THR A 57 -2.06 -1.53 -5.26
N GLY A 58 -1.08 -1.71 -6.14
CA GLY A 58 -1.30 -2.52 -7.33
C GLY A 58 -0.83 -3.95 -7.16
N ILE A 59 -0.10 -4.22 -6.07
CA ILE A 59 0.45 -5.55 -5.86
C ILE A 59 -0.67 -6.53 -5.52
N CYS A 60 -0.84 -7.56 -6.36
CA CYS A 60 -1.90 -8.57 -6.22
C CYS A 60 -3.30 -7.95 -6.32
N ALA A 61 -3.41 -6.81 -6.99
CA ALA A 61 -4.70 -6.17 -7.23
C ALA A 61 -5.11 -6.41 -8.67
N PHE A 62 -6.42 -6.33 -8.90
CA PHE A 62 -6.99 -6.43 -10.24
C PHE A 62 -8.00 -5.32 -10.46
N ARG A 63 -8.07 -4.86 -11.69
CA ARG A 63 -9.12 -3.95 -12.16
C ARG A 63 -9.76 -4.54 -13.40
N GLY A 64 -11.06 -4.38 -13.53
CA GLY A 64 -11.72 -4.88 -14.72
C GLY A 64 -13.23 -4.82 -14.61
N LYS A 65 -13.90 -5.84 -15.15
CA LYS A 65 -15.35 -5.82 -15.20
C LYS A 65 -15.84 -7.25 -15.13
N VAL A 66 -16.79 -7.53 -14.23
CA VAL A 66 -17.43 -8.84 -14.21
C VAL A 66 -18.23 -9.01 -15.49
N THR A 67 -18.08 -10.17 -16.13
CA THR A 67 -18.92 -10.45 -17.30
C THR A 67 -20.16 -11.25 -16.93
N GLN A 68 -20.02 -12.30 -16.12
CA GLN A 68 -21.15 -13.16 -15.77
C GLN A 68 -20.79 -14.04 -14.59
N GLN A 69 -21.82 -14.54 -13.91
CA GLN A 69 -21.64 -15.68 -13.03
C GLN A 69 -21.33 -16.91 -13.88
N VAL A 70 -20.56 -17.84 -13.32
CA VAL A 70 -20.21 -19.07 -14.01
C VAL A 70 -20.61 -20.24 -13.11
N GLN A 71 -21.25 -21.24 -13.73
CA GLN A 71 -21.67 -22.46 -13.04
C GLN A 71 -20.53 -23.46 -13.03
N ASP A 72 -20.37 -24.14 -11.89
CA ASP A 72 -19.19 -24.93 -11.64
C ASP A 72 -19.55 -26.13 -10.79
N GLU A 73 -18.64 -27.11 -10.74
CA GLU A 73 -18.77 -28.25 -9.85
C GLU A 73 -18.21 -27.98 -8.45
N HIS A 74 -17.53 -26.85 -8.26
CA HIS A 74 -16.94 -26.50 -6.98
C HIS A 74 -17.90 -25.67 -6.13
N ARG A 75 -17.83 -25.88 -4.82
CA ARG A 75 -18.57 -25.12 -3.83
C ARG A 75 -18.38 -23.63 -4.03
N GLY A 76 -19.35 -22.83 -3.57
CA GLY A 76 -19.25 -21.39 -3.67
C GLY A 76 -19.93 -20.81 -4.90
N THR A 77 -19.85 -19.50 -5.02
CA THR A 77 -20.41 -18.77 -6.15
C THR A 77 -19.25 -18.16 -6.93
N HIS A 78 -19.26 -18.33 -8.24
CA HIS A 78 -18.08 -18.01 -9.05
C HIS A 78 -18.44 -16.96 -10.09
N TRP A 79 -17.47 -16.10 -10.40
CA TRP A 79 -17.67 -14.96 -11.27
C TRP A 79 -16.46 -14.80 -12.19
N ASN A 80 -16.70 -14.59 -13.47
CA ASN A 80 -15.66 -14.27 -14.43
C ASN A 80 -15.56 -12.76 -14.60
N MET A 81 -14.34 -12.22 -14.54
CA MET A 81 -14.15 -10.82 -14.83
C MET A 81 -13.01 -10.66 -15.82
N THR A 82 -13.19 -9.76 -16.78
CA THR A 82 -12.08 -9.34 -17.58
C THR A 82 -11.15 -8.48 -16.74
N VAL A 83 -9.86 -8.51 -17.07
CA VAL A 83 -8.88 -7.70 -16.35
C VAL A 83 -8.21 -6.75 -17.35
N THR A 84 -8.17 -5.48 -16.99
CA THR A 84 -7.41 -4.48 -17.73
C THR A 84 -6.07 -4.29 -17.05
N ASN A 85 -5.30 -3.33 -17.55
CA ASN A 85 -4.16 -2.85 -16.79
C ASN A 85 -4.66 -2.09 -15.57
N LEU A 86 -3.77 -1.93 -14.58
CA LEU A 86 -4.19 -1.28 -13.35
C LEU A 86 -4.63 0.16 -13.60
N ASN A 87 -4.09 0.81 -14.63
CA ASN A 87 -4.43 2.20 -14.91
C ASN A 87 -5.69 2.34 -15.75
N GLY A 88 -6.41 1.25 -16.00
CA GLY A 88 -7.66 1.27 -16.74
C GLY A 88 -7.53 0.97 -18.22
N THR A 89 -6.34 1.11 -18.80
CA THR A 89 -6.19 0.81 -20.22
C THR A 89 -6.32 -0.69 -20.44
N PRO A 90 -6.74 -1.11 -21.64
CA PRO A 90 -6.90 -2.54 -21.89
C PRO A 90 -5.56 -3.27 -21.89
N PHE A 91 -5.55 -4.46 -21.31
CA PHE A 91 -4.34 -5.26 -21.31
C PHE A 91 -4.09 -5.83 -22.70
N ASP A 92 -2.89 -5.58 -23.23
CA ASP A 92 -2.45 -6.10 -24.52
C ASP A 92 -1.76 -7.44 -24.28
N PRO A 93 -2.42 -8.55 -24.58
CA PRO A 93 -1.80 -9.87 -24.33
C PRO A 93 -0.52 -10.11 -25.12
N THR A 94 -0.19 -9.26 -26.10
CA THR A 94 1.02 -9.44 -26.90
C THR A 94 2.24 -8.75 -26.31
N GLU A 95 2.06 -7.92 -25.28
CA GLU A 95 3.21 -7.27 -24.64
C GLU A 95 4.12 -8.31 -24.01
N ASP A 96 5.41 -7.97 -23.92
CA ASP A 96 6.43 -8.87 -23.40
C ASP A 96 6.42 -8.89 -21.86
N VAL A 97 5.26 -9.21 -21.30
CA VAL A 97 5.12 -9.34 -19.86
C VAL A 97 4.44 -10.68 -19.57
N PRO A 98 4.69 -11.29 -18.39
CA PRO A 98 4.05 -12.58 -18.10
C PRO A 98 2.55 -12.49 -17.92
N ALA A 99 2.02 -11.31 -17.62
CA ALA A 99 0.64 -11.09 -17.23
C ALA A 99 0.48 -9.59 -16.96
N PRO A 100 -0.73 -9.07 -16.73
CA PRO A 100 -0.86 -7.67 -16.33
C PRO A 100 0.02 -7.37 -15.11
N LEU A 101 0.63 -6.19 -15.11
CA LEU A 101 1.51 -5.81 -14.00
C LEU A 101 0.71 -5.79 -12.69
N GLY A 102 1.29 -6.36 -11.64
CA GLY A 102 0.63 -6.51 -10.36
C GLY A 102 -0.03 -7.86 -10.13
N THR A 103 -0.13 -8.69 -11.15
CA THR A 103 -0.69 -10.03 -10.99
C THR A 103 0.04 -10.78 -9.88
N PRO A 104 -0.68 -11.49 -9.01
CA PRO A 104 -0.01 -12.35 -8.01
C PRO A 104 1.02 -13.26 -8.66
N ASP A 105 2.13 -13.50 -7.96
CA ASP A 105 3.19 -14.34 -8.50
C ASP A 105 3.39 -15.62 -7.70
N PHE A 106 2.35 -16.11 -7.01
CA PHE A 106 2.50 -17.34 -6.26
C PHE A 106 1.19 -18.12 -6.31
N SER A 107 1.28 -19.40 -6.01
CA SER A 107 0.12 -20.29 -5.98
C SER A 107 -0.55 -20.20 -4.62
N GLY A 108 -1.86 -19.95 -4.62
CA GLY A 108 -2.61 -20.01 -3.38
C GLY A 108 -4.01 -19.47 -3.56
N GLN A 109 -4.77 -19.54 -2.48
CA GLN A 109 -6.12 -18.98 -2.44
C GLN A 109 -6.01 -17.57 -1.87
N ILE A 110 -5.95 -16.58 -2.74
CA ILE A 110 -5.78 -15.19 -2.31
C ILE A 110 -7.14 -14.64 -1.89
N TYR A 111 -7.20 -14.10 -0.68
CA TYR A 111 -8.42 -13.61 -0.05
C TYR A 111 -8.42 -12.09 -0.06
N GLY A 112 -9.57 -11.49 -0.37
CA GLY A 112 -9.67 -10.06 -0.42
C GLY A 112 -11.11 -9.59 -0.57
N VAL A 113 -11.28 -8.39 -1.13
CA VAL A 113 -12.60 -7.77 -1.25
C VAL A 113 -12.79 -7.33 -2.70
N ILE A 114 -13.82 -7.86 -3.34
CA ILE A 114 -14.27 -7.36 -4.64
C ILE A 114 -15.23 -6.21 -4.39
N SER A 115 -14.98 -5.06 -5.02
CA SER A 115 -15.89 -3.93 -4.92
C SER A 115 -16.26 -3.46 -6.31
N GLN A 116 -17.47 -2.91 -6.43
CA GLN A 116 -18.01 -2.42 -7.69
C GLN A 116 -18.64 -1.04 -7.51
N ARG A 117 -18.48 -0.18 -8.50
CA ARG A 117 -19.20 1.08 -8.59
C ARG A 117 -19.79 1.18 -9.99
N ASN A 118 -21.12 1.21 -10.09
CA ASN A 118 -21.79 1.15 -11.38
C ASN A 118 -21.47 2.36 -12.24
N THR A 119 -21.45 2.15 -13.56
CA THR A 119 -21.26 3.25 -14.50
C THR A 119 -22.50 4.12 -14.63
N ASN A 120 -23.69 3.54 -14.49
CA ASN A 120 -24.94 4.28 -14.63
C ASN A 120 -25.35 4.92 -13.31
N THR A 121 -25.87 6.15 -13.40
CA THR A 121 -26.26 6.92 -12.22
C THR A 121 -27.67 6.55 -11.76
N GLY A 126 -30.22 10.11 -6.71
CA GLY A 126 -29.86 11.47 -7.07
C GLY A 126 -28.66 11.58 -7.99
N ASN A 127 -28.73 10.88 -9.12
CA ASN A 127 -27.64 10.84 -10.11
C ASN A 127 -26.36 10.24 -9.53
N LEU A 128 -26.51 9.34 -8.55
CA LEU A 128 -25.37 8.66 -7.96
C LEU A 128 -25.39 7.18 -8.32
N PRO A 129 -24.23 6.56 -8.49
CA PRO A 129 -24.20 5.14 -8.86
C PRO A 129 -24.37 4.22 -7.65
N ALA A 130 -24.94 3.05 -7.92
CA ALA A 130 -25.04 2.00 -6.91
C ALA A 130 -23.68 1.32 -6.71
N ASN A 131 -23.49 0.76 -5.51
CA ASN A 131 -22.23 0.18 -5.10
C ASN A 131 -22.47 -1.14 -4.39
N ARG A 132 -21.46 -2.02 -4.43
CA ARG A 132 -21.49 -3.20 -3.58
C ARG A 132 -20.07 -3.71 -3.41
N ALA A 133 -19.80 -4.35 -2.28
CA ALA A 133 -18.52 -4.98 -2.06
C ALA A 133 -18.72 -6.25 -1.26
N HIS A 134 -17.91 -7.25 -1.54
CA HIS A 134 -18.04 -8.55 -0.88
C HIS A 134 -16.68 -9.21 -0.80
N GLU A 135 -16.51 -10.01 0.26
CA GLU A 135 -15.32 -10.86 0.39
C GLU A 135 -15.22 -11.81 -0.79
N ALA A 136 -14.00 -12.06 -1.25
CA ALA A 136 -13.81 -12.93 -2.40
C ALA A 136 -12.48 -13.65 -2.27
N VAL A 137 -12.35 -14.73 -3.04
CA VAL A 137 -11.13 -15.52 -3.12
C VAL A 137 -10.78 -15.73 -4.58
N ILE A 138 -9.50 -15.53 -4.92
CA ILE A 138 -8.94 -15.89 -6.22
C ILE A 138 -7.97 -17.03 -6.01
N ALA A 139 -8.27 -18.19 -6.61
CA ALA A 139 -7.37 -19.34 -6.60
C ALA A 139 -6.43 -19.23 -7.79
N THR A 140 -5.19 -18.78 -7.55
CA THR A 140 -4.26 -18.54 -8.65
C THR A 140 -3.78 -19.81 -9.32
N TYR A 141 -3.93 -20.96 -8.68
CA TYR A 141 -3.58 -22.26 -9.25
C TYR A 141 -4.71 -22.87 -10.07
N SER A 142 -5.90 -22.26 -10.04
CA SER A 142 -7.04 -22.81 -10.74
C SER A 142 -6.86 -22.69 -12.25
N PRO A 143 -7.45 -23.61 -13.03
CA PRO A 143 -7.41 -23.46 -14.49
C PRO A 143 -8.16 -22.25 -14.99
N LYS A 144 -9.03 -21.66 -14.17
CA LYS A 144 -9.76 -20.45 -14.55
C LYS A 144 -8.98 -19.18 -14.27
N PHE A 145 -7.76 -19.27 -13.75
CA PHE A 145 -6.90 -18.11 -13.54
C PHE A 145 -6.06 -17.93 -14.80
N THR A 146 -6.50 -17.05 -15.69
CA THR A 146 -5.86 -16.83 -16.99
C THR A 146 -5.62 -15.34 -17.22
N PRO A 147 -4.91 -14.67 -16.31
CA PRO A 147 -4.74 -13.21 -16.48
C PRO A 147 -4.00 -12.82 -17.75
N LYS A 148 -3.09 -13.67 -18.25
CA LYS A 148 -2.38 -13.37 -19.49
C LYS A 148 -3.34 -13.37 -20.68
N LEU A 149 -4.45 -14.11 -20.59
CA LEU A 149 -5.47 -14.09 -21.61
C LEU A 149 -6.45 -12.93 -21.45
N GLY A 150 -6.33 -12.14 -20.38
CA GLY A 150 -7.20 -11.01 -20.16
C GLY A 150 -8.43 -11.25 -19.31
N ASN A 151 -8.52 -12.38 -18.62
CA ASN A 151 -9.68 -12.61 -17.76
C ASN A 151 -9.31 -13.58 -16.64
N ILE A 152 -10.02 -13.47 -15.52
CA ILE A 152 -9.82 -14.33 -14.36
C ILE A 152 -11.18 -14.67 -13.77
N GLN A 153 -11.16 -15.58 -12.80
CA GLN A 153 -12.34 -15.94 -12.03
C GLN A 153 -12.08 -15.68 -10.57
N PHE A 154 -13.09 -15.21 -9.85
CA PHE A 154 -13.04 -15.14 -8.40
C PHE A 154 -14.31 -15.76 -7.85
N SER A 155 -14.28 -16.12 -6.57
CA SER A 155 -15.45 -16.72 -5.94
C SER A 155 -15.79 -15.97 -4.68
N THR A 156 -17.07 -16.04 -4.32
CA THR A 156 -17.58 -15.30 -3.18
C THR A 156 -18.39 -16.20 -2.28
N TRP A 157 -18.48 -15.80 -1.00
CA TRP A 157 -19.49 -16.35 -0.11
C TRP A 157 -20.88 -15.85 -0.48
N GLU A 158 -20.97 -14.56 -0.83
CA GLU A 158 -22.19 -13.98 -1.36
C GLU A 158 -22.64 -14.76 -2.60
N THR A 159 -23.94 -14.99 -2.71
CA THR A 159 -24.48 -15.87 -3.75
C THR A 159 -25.11 -15.15 -4.94
N GLN A 160 -25.41 -13.85 -4.82
CA GLN A 160 -26.19 -13.21 -5.87
C GLN A 160 -25.79 -11.76 -6.13
N ASP A 161 -25.27 -11.07 -5.12
CA ASP A 161 -25.14 -9.61 -5.16
C ASP A 161 -23.79 -9.16 -5.75
N VAL A 162 -23.54 -9.63 -6.98
CA VAL A 162 -22.44 -9.13 -7.81
C VAL A 162 -23.03 -8.84 -9.20
N SER A 163 -22.78 -7.64 -9.73
CA SER A 163 -23.43 -7.19 -10.95
C SER A 163 -22.55 -7.41 -12.17
N SER A 164 -23.15 -7.91 -13.26
CA SER A 164 -22.43 -8.05 -14.51
C SER A 164 -22.25 -6.71 -15.21
N GLY A 165 -21.16 -6.58 -15.95
CA GLY A 165 -20.92 -5.39 -16.73
C GLY A 165 -20.55 -4.16 -15.94
N GLN A 166 -20.16 -4.31 -14.68
CA GLN A 166 -19.87 -3.10 -13.90
C GLN A 166 -18.40 -3.06 -13.49
N PRO A 167 -17.82 -1.86 -13.36
CA PRO A 167 -16.41 -1.76 -13.00
C PRO A 167 -16.15 -2.43 -11.67
N THR A 168 -15.10 -3.25 -11.63
CA THR A 168 -14.83 -4.14 -10.53
C THR A 168 -13.37 -4.01 -10.11
N LYS A 169 -13.16 -3.95 -8.79
CA LYS A 169 -11.83 -3.85 -8.21
C LYS A 169 -11.63 -4.98 -7.20
N PHE A 170 -10.45 -5.60 -7.21
CA PHE A 170 -10.06 -6.57 -6.19
C PHE A 170 -9.01 -5.94 -5.29
N THR A 171 -9.31 -5.83 -3.98
CA THR A 171 -8.34 -5.39 -2.99
C THR A 171 -7.85 -6.62 -2.24
N PRO A 172 -6.57 -6.97 -2.32
CA PRO A 172 -6.08 -8.15 -1.59
C PRO A 172 -5.97 -7.87 -0.11
N VAL A 173 -6.20 -8.92 0.69
CA VAL A 173 -6.13 -8.80 2.14
C VAL A 173 -5.23 -9.89 2.75
N GLY A 174 -5.36 -11.12 2.27
CA GLY A 174 -4.52 -12.19 2.76
C GLY A 174 -4.74 -13.48 2.00
N LEU A 175 -4.75 -14.60 2.71
CA LEU A 175 -5.00 -15.91 2.13
C LEU A 175 -6.25 -16.52 2.76
N ALA A 176 -6.99 -17.29 1.96
CA ALA A 176 -8.16 -17.98 2.47
C ALA A 176 -7.78 -19.14 3.39
N SER A 177 -6.71 -19.86 3.06
CA SER A 177 -6.34 -21.07 3.78
C SER A 177 -4.93 -21.46 3.38
N VAL A 178 -4.26 -22.19 4.28
CA VAL A 178 -2.99 -22.81 3.95
C VAL A 178 -3.00 -24.27 4.37
N ASP A 179 -4.19 -24.87 4.46
CA ASP A 179 -4.27 -26.27 4.85
C ASP A 179 -3.76 -27.14 3.70
N ALA A 180 -3.82 -28.46 3.90
CA ALA A 180 -3.21 -29.42 2.99
C ALA A 180 -3.77 -29.34 1.57
N ASN A 181 -5.01 -28.88 1.39
CA ASN A 181 -5.64 -28.84 0.08
C ASN A 181 -5.69 -27.45 -0.52
N SER A 182 -4.92 -26.50 0.03
CA SER A 182 -5.02 -25.10 -0.35
C SER A 182 -4.03 -24.69 -1.44
N HIS A 183 -3.06 -25.54 -1.78
CA HIS A 183 -2.08 -25.28 -2.84
C HIS A 183 -1.23 -24.04 -2.57
N PHE A 184 -1.01 -23.66 -1.32
CA PHE A 184 -0.16 -22.51 -1.05
C PHE A 184 1.30 -22.89 -1.19
N ASP A 185 2.00 -22.25 -2.12
CA ASP A 185 3.45 -22.37 -2.24
C ASP A 185 3.93 -21.04 -2.79
N GLN A 186 4.65 -20.27 -1.97
CA GLN A 186 5.06 -18.94 -2.39
C GLN A 186 6.08 -18.96 -3.52
N TRP A 187 6.71 -20.09 -3.81
CA TRP A 187 7.69 -20.18 -4.89
C TRP A 187 7.17 -20.89 -6.13
N THR A 188 5.90 -21.33 -6.14
CA THR A 188 5.31 -21.90 -7.34
C THR A 188 4.55 -20.80 -8.08
N LEU A 189 5.02 -20.45 -9.26
CA LEU A 189 4.36 -19.45 -10.09
C LEU A 189 2.99 -19.96 -10.54
N PRO A 190 2.01 -19.07 -10.67
CA PRO A 190 0.79 -19.44 -11.39
C PRO A 190 1.10 -19.65 -12.86
N SER A 191 0.25 -20.46 -13.49
CA SER A 191 0.29 -20.60 -14.94
C SER A 191 -0.58 -19.48 -15.50
N TYR A 192 0.06 -18.38 -15.92
CA TYR A 192 -0.67 -17.16 -16.22
C TYR A 192 -1.61 -17.31 -17.41
N SER A 193 -1.35 -18.25 -18.32
CA SER A 193 -2.21 -18.44 -19.47
C SER A 193 -3.22 -19.58 -19.29
N GLY A 194 -3.25 -20.19 -18.11
CA GLY A 194 -4.20 -21.25 -17.82
C GLY A 194 -3.51 -22.59 -17.58
N ALA A 195 -4.34 -23.60 -17.35
CA ALA A 195 -3.84 -24.93 -17.01
C ALA A 195 -2.89 -25.45 -18.09
N LEU A 196 -1.80 -26.07 -17.64
CA LEU A 196 -0.88 -26.78 -18.52
C LEU A 196 -0.29 -25.86 -19.60
N THR A 197 -0.10 -24.59 -19.27
CA THR A 197 0.49 -23.63 -20.19
C THR A 197 1.89 -23.25 -19.73
N LEU A 198 2.65 -22.71 -20.66
CA LEU A 198 4.03 -22.30 -20.42
C LEU A 198 4.08 -20.80 -20.19
N ASN A 199 4.57 -20.39 -19.03
CA ASN A 199 4.78 -18.96 -18.78
C ASN A 199 5.85 -18.40 -19.72
N MET A 200 5.71 -17.12 -20.06
CA MET A 200 6.63 -16.44 -20.95
C MET A 200 7.03 -15.09 -20.35
N ASN A 201 8.15 -14.57 -20.83
CA ASN A 201 8.62 -13.23 -20.47
C ASN A 201 8.87 -13.10 -18.96
N LEU A 202 9.41 -14.16 -18.36
CA LEU A 202 9.60 -14.18 -16.92
C LEU A 202 10.87 -13.43 -16.50
N ALA A 203 10.81 -12.82 -15.33
CA ALA A 203 12.03 -12.36 -14.69
C ALA A 203 12.88 -13.58 -14.32
N PRO A 204 14.20 -13.52 -14.48
CA PRO A 204 15.01 -14.73 -14.32
C PRO A 204 15.01 -15.22 -12.88
N SER A 205 15.29 -16.52 -12.74
CA SER A 205 15.46 -17.10 -11.43
C SER A 205 16.70 -16.54 -10.75
N VAL A 206 16.71 -16.58 -9.43
CA VAL A 206 17.83 -16.08 -8.65
C VAL A 206 18.36 -17.21 -7.77
N ALA A 207 19.69 -17.29 -7.66
CA ALA A 207 20.33 -18.32 -6.86
C ALA A 207 21.68 -17.80 -6.41
N PRO A 208 22.15 -18.20 -5.22
CA PRO A 208 23.54 -17.92 -4.84
C PRO A 208 24.48 -18.86 -5.56
N VAL A 209 25.57 -18.32 -6.09
CA VAL A 209 26.56 -19.11 -6.82
C VAL A 209 27.80 -19.32 -5.94
N PHE A 210 28.05 -18.37 -5.05
CA PHE A 210 29.25 -18.43 -4.23
C PHE A 210 29.08 -19.48 -3.13
N PRO A 211 30.14 -20.20 -2.78
CA PRO A 211 30.03 -21.20 -1.69
C PRO A 211 29.71 -20.55 -0.36
N GLY A 212 28.81 -21.19 0.39
CA GLY A 212 28.43 -20.70 1.68
C GLY A 212 27.45 -19.55 1.69
N GLU A 213 27.06 -19.04 0.53
CA GLU A 213 26.13 -17.93 0.44
C GLU A 213 24.71 -18.44 0.24
N CYS A 214 23.75 -17.66 0.72
CA CYS A 214 22.34 -17.97 0.59
C CYS A 214 21.58 -16.67 0.35
N LEU A 215 20.38 -16.80 -0.21
CA LEU A 215 19.54 -15.63 -0.42
C LEU A 215 19.12 -15.03 0.92
N LEU A 216 18.98 -13.71 0.93
CA LEU A 216 18.45 -12.96 2.05
C LEU A 216 17.11 -12.35 1.63
N PHE A 217 16.07 -12.62 2.42
CA PHE A 217 14.71 -12.21 2.07
C PHE A 217 14.18 -11.17 3.04
N PHE A 218 13.29 -10.30 2.53
CA PHE A 218 12.46 -9.45 3.36
C PHE A 218 11.13 -10.17 3.54
N ARG A 219 10.85 -10.58 4.77
CA ARG A 219 9.73 -11.48 5.06
C ARG A 219 8.58 -10.72 5.71
N SER A 220 7.36 -11.02 5.24
CA SER A 220 6.12 -10.50 5.83
C SER A 220 5.20 -11.66 6.13
N PHE A 221 4.52 -11.60 7.28
CA PHE A 221 3.52 -12.61 7.59
C PHE A 221 2.16 -12.12 7.09
N ILE A 222 1.43 -13.03 6.46
CA ILE A 222 0.23 -12.69 5.69
C ILE A 222 -1.01 -13.20 6.42
N PRO A 223 -2.08 -12.40 6.51
CA PRO A 223 -3.27 -12.83 7.26
C PRO A 223 -3.95 -14.01 6.60
N LEU A 224 -4.75 -14.71 7.41
CA LEU A 224 -5.56 -15.85 6.97
C LEU A 224 -7.01 -15.59 7.27
N LYS A 225 -7.90 -15.98 6.35
CA LYS A 225 -9.33 -15.92 6.60
C LYS A 225 -9.75 -16.93 7.66
N GLY A 226 -9.08 -18.08 7.73
CA GLY A 226 -9.41 -19.08 8.73
C GLY A 226 -8.41 -20.20 8.69
N GLY A 227 -8.66 -21.20 9.53
CA GLY A 227 -7.77 -22.35 9.61
C GLY A 227 -6.50 -22.01 10.37
N TYR A 228 -5.62 -22.99 10.41
CA TYR A 228 -4.36 -22.91 11.14
C TYR A 228 -3.23 -22.56 10.19
N GLY A 229 -2.21 -21.91 10.73
CA GLY A 229 -1.00 -21.62 9.99
C GLY A 229 -0.44 -20.26 10.35
N ASN A 230 0.81 -20.05 9.97
CA ASN A 230 1.47 -18.75 10.12
C ASN A 230 2.21 -18.44 8.83
N PRO A 231 1.48 -18.25 7.73
CA PRO A 231 2.12 -18.17 6.41
C PRO A 231 2.88 -16.87 6.22
N ALA A 232 3.91 -16.93 5.38
CA ALA A 232 4.77 -15.79 5.15
C ALA A 232 5.02 -15.65 3.65
N ILE A 233 5.35 -14.43 3.25
CA ILE A 233 5.72 -14.11 1.87
C ILE A 233 7.09 -13.44 1.93
N ASP A 234 8.05 -13.99 1.21
CA ASP A 234 9.41 -13.44 1.16
C ASP A 234 9.64 -12.75 -0.17
N CYS A 235 10.09 -11.51 -0.13
CA CYS A 235 10.42 -10.82 -1.36
C CYS A 235 11.93 -10.55 -1.41
N LEU A 236 12.45 -10.42 -2.63
CA LEU A 236 13.89 -10.22 -2.81
C LEU A 236 14.31 -8.80 -2.44
N MET A 237 13.42 -7.82 -2.63
CA MET A 237 13.67 -6.42 -2.34
C MET A 237 12.35 -5.78 -1.95
N PRO A 238 12.32 -4.91 -0.95
CA PRO A 238 11.08 -4.24 -0.58
C PRO A 238 10.62 -3.30 -1.69
N GLN A 239 9.33 -2.95 -1.65
CA GLN A 239 8.76 -2.14 -2.72
C GLN A 239 9.43 -0.76 -2.81
N GLU A 240 9.86 -0.21 -1.66
CA GLU A 240 10.55 1.09 -1.68
C GLU A 240 11.88 1.02 -2.42
N TRP A 241 12.54 -0.14 -2.40
CA TRP A 241 13.77 -0.27 -3.18
C TRP A 241 13.47 -0.30 -4.67
N VAL A 242 12.42 -1.01 -5.06
CA VAL A 242 11.97 -0.98 -6.44
C VAL A 242 11.71 0.46 -6.88
N GLN A 243 10.91 1.18 -6.09
CA GLN A 243 10.60 2.57 -6.40
C GLN A 243 11.85 3.43 -6.46
N HIS A 244 12.78 3.21 -5.54
CA HIS A 244 14.01 4.00 -5.49
C HIS A 244 14.90 3.70 -6.70
N LEU A 245 15.16 2.42 -6.97
CA LEU A 245 16.02 2.05 -8.08
C LEU A 245 15.45 2.57 -9.41
N TYR A 246 14.13 2.52 -9.56
CA TYR A 246 13.50 3.04 -10.77
C TYR A 246 13.76 4.53 -10.94
N GLN A 247 13.59 5.32 -9.87
CA GLN A 247 13.89 6.75 -9.93
C GLN A 247 15.34 7.01 -10.29
N GLU A 248 16.26 6.29 -9.65
CA GLU A 248 17.67 6.65 -9.73
C GLU A 248 18.30 6.19 -11.02
N SER A 249 18.09 4.92 -11.38
CA SER A 249 18.65 4.32 -12.60
C SER A 249 20.16 4.56 -12.68
N ALA A 250 20.85 4.33 -11.57
CA ALA A 250 22.26 4.63 -11.48
C ALA A 250 23.07 3.58 -12.23
N PRO A 251 24.15 3.98 -12.92
CA PRO A 251 24.99 3.00 -13.61
C PRO A 251 25.59 2.00 -12.63
N SER A 252 25.36 0.72 -12.90
CA SER A 252 25.99 -0.36 -12.13
C SER A 252 27.45 -0.47 -12.55
N LEU A 253 28.35 -0.05 -11.67
CA LEU A 253 29.77 -0.08 -12.00
C LEU A 253 30.36 -1.48 -11.91
N SER A 254 29.64 -2.43 -11.33
CA SER A 254 29.97 -3.85 -11.44
C SER A 254 28.69 -4.63 -11.23
N ASP A 255 28.79 -5.96 -11.32
CA ASP A 255 27.60 -6.80 -11.19
C ASP A 255 27.20 -7.04 -9.74
N VAL A 256 28.02 -6.65 -8.77
CA VAL A 256 27.75 -6.92 -7.37
C VAL A 256 28.05 -5.67 -6.55
N ALA A 257 27.06 -5.21 -5.80
CA ALA A 257 27.24 -4.12 -4.85
C ALA A 257 27.40 -4.70 -3.44
N LEU A 258 28.46 -4.29 -2.75
CA LEU A 258 28.66 -4.64 -1.36
C LEU A 258 27.87 -3.66 -0.48
N VAL A 259 26.98 -4.19 0.34
CA VAL A 259 26.16 -3.38 1.24
C VAL A 259 26.39 -3.86 2.66
N ARG A 260 26.26 -2.95 3.62
CA ARG A 260 26.38 -3.27 5.04
C ARG A 260 25.09 -2.92 5.76
N TYR A 261 24.65 -3.80 6.66
CA TYR A 261 23.48 -3.56 7.48
C TYR A 261 23.96 -2.95 8.80
N VAL A 262 23.72 -1.65 8.97
CA VAL A 262 24.36 -0.89 10.04
C VAL A 262 23.33 -0.55 11.11
N ASN A 263 23.82 -0.47 12.35
CA ASN A 263 23.05 0.04 13.47
C ASN A 263 23.37 1.51 13.63
N PRO A 264 22.41 2.43 13.41
CA PRO A 264 22.73 3.85 13.54
C PRO A 264 23.05 4.27 14.96
N GLU A 265 22.53 3.55 15.97
CA GLU A 265 22.81 3.92 17.35
C GLU A 265 24.27 3.70 17.69
N THR A 266 24.82 2.53 17.34
CA THR A 266 26.19 2.17 17.65
C THR A 266 27.16 2.38 16.49
N GLY A 267 26.66 2.73 15.31
CA GLY A 267 27.50 2.84 14.13
C GLY A 267 28.07 1.53 13.63
N ARG A 268 27.85 0.43 14.34
CA ARG A 268 28.48 -0.83 14.00
C ARG A 268 27.77 -1.52 12.84
N THR A 269 28.55 -2.21 12.02
CA THR A 269 28.01 -3.05 10.97
C THR A 269 27.54 -4.37 11.57
N LEU A 270 26.25 -4.67 11.44
CA LEU A 270 25.74 -5.94 11.95
C LEU A 270 26.18 -7.08 11.05
N PHE A 271 26.09 -6.91 9.73
CA PHE A 271 26.56 -7.88 8.77
C PHE A 271 26.63 -7.20 7.42
N GLU A 272 27.28 -7.88 6.48
CA GLU A 272 27.36 -7.39 5.11
C GLU A 272 26.69 -8.38 4.17
N ALA A 273 26.23 -7.88 3.03
CA ALA A 273 25.58 -8.70 2.02
C ALA A 273 26.08 -8.30 0.64
N LYS A 274 25.78 -9.15 -0.34
CA LYS A 274 25.96 -8.83 -1.75
C LYS A 274 24.62 -8.44 -2.35
N LEU A 275 24.54 -7.24 -2.92
CA LEU A 275 23.37 -6.82 -3.69
C LEU A 275 23.70 -7.02 -5.16
N HIS A 276 22.97 -7.93 -5.81
CA HIS A 276 23.28 -8.37 -7.16
C HIS A 276 22.54 -7.52 -8.19
N ARG A 277 23.15 -7.45 -9.39
CA ARG A 277 22.63 -6.58 -10.45
C ARG A 277 21.18 -6.89 -10.80
N ASN A 278 20.77 -8.15 -10.73
CA ASN A 278 19.39 -8.49 -11.05
C ASN A 278 18.42 -8.14 -9.94
N GLY A 279 18.91 -7.74 -8.77
CA GLY A 279 18.02 -7.23 -7.74
C GLY A 279 17.71 -8.24 -6.67
N PHE A 280 18.75 -8.80 -6.04
CA PHE A 280 18.55 -9.70 -4.91
C PHE A 280 19.80 -9.67 -4.05
N LEU A 281 19.63 -10.09 -2.80
CA LEU A 281 20.70 -10.09 -1.82
C LEU A 281 21.13 -11.50 -1.47
N THR A 282 22.43 -11.67 -1.22
CA THR A 282 22.96 -12.90 -0.65
C THR A 282 23.82 -12.58 0.57
N VAL A 283 23.90 -13.52 1.50
CA VAL A 283 24.70 -13.39 2.70
C VAL A 283 25.43 -14.70 2.96
N ALA A 284 26.53 -14.61 3.72
CA ALA A 284 27.28 -15.79 4.15
C ALA A 284 26.72 -16.24 5.49
N ARG A 285 25.78 -17.18 5.43
CA ARG A 285 25.09 -17.64 6.63
C ARG A 285 24.80 -19.13 6.47
N ASN A 286 25.00 -19.88 7.55
CA ASN A 286 24.86 -21.33 7.53
C ASN A 286 23.66 -21.80 8.37
N SER A 287 22.62 -20.98 8.45
CA SER A 287 21.44 -21.38 9.21
C SER A 287 20.20 -20.75 8.58
N ALA A 288 19.05 -21.31 8.92
CA ALA A 288 17.76 -20.85 8.44
C ALA A 288 17.00 -20.14 9.56
N GLY A 289 16.15 -19.22 9.17
CA GLY A 289 15.31 -18.53 10.12
C GLY A 289 15.47 -17.03 10.08
N PRO A 290 14.79 -16.34 10.99
CA PRO A 290 14.85 -14.89 10.99
C PRO A 290 16.24 -14.37 11.35
N VAL A 291 16.48 -13.12 10.98
CA VAL A 291 17.65 -12.38 11.42
C VAL A 291 17.21 -11.51 12.58
N VAL A 292 17.75 -11.77 13.77
CA VAL A 292 17.36 -11.05 14.99
C VAL A 292 18.28 -9.83 15.08
N ALA A 293 17.88 -8.75 14.42
CA ALA A 293 18.67 -7.53 14.39
C ALA A 293 17.87 -6.36 14.99
N PRO A 294 18.56 -5.35 15.52
CA PRO A 294 17.85 -4.20 16.10
C PRO A 294 16.93 -3.53 15.09
N THR A 295 15.93 -2.84 15.63
CA THR A 295 14.83 -2.33 14.82
C THR A 295 15.25 -1.20 13.90
N ASN A 296 16.26 -0.43 14.28
CA ASN A 296 16.66 0.76 13.55
C ASN A 296 17.68 0.47 12.44
N GLY A 297 17.97 -0.79 12.16
CA GLY A 297 18.99 -1.13 11.18
C GLY A 297 18.53 -0.92 9.76
N TYR A 298 19.50 -0.66 8.88
CA TYR A 298 19.21 -0.42 7.47
C TYR A 298 20.45 -0.72 6.65
N PHE A 299 20.24 -1.01 5.37
CA PHE A 299 21.32 -1.33 4.45
C PHE A 299 21.95 -0.06 3.89
N ARG A 300 23.27 -0.02 3.88
CA ARG A 300 24.04 1.11 3.38
C ARG A 300 24.96 0.62 2.28
N PHE A 301 24.95 1.32 1.14
CA PHE A 301 25.83 0.95 0.04
C PHE A 301 27.27 1.23 0.40
N ASP A 302 28.15 0.27 0.14
CA ASP A 302 29.57 0.40 0.44
C ASP A 302 30.40 0.65 -0.82
N SER A 303 30.37 -0.27 -1.76
CA SER A 303 31.20 -0.18 -2.97
C SER A 303 30.79 -1.29 -3.93
N TRP A 304 31.26 -1.17 -5.17
CA TRP A 304 31.12 -2.22 -6.16
C TRP A 304 32.28 -3.20 -6.02
N VAL A 305 31.99 -4.48 -6.20
CA VAL A 305 32.98 -5.54 -6.07
C VAL A 305 32.84 -6.51 -7.23
N ASN A 306 33.83 -7.38 -7.38
CA ASN A 306 33.77 -8.42 -8.40
C ASN A 306 32.92 -9.59 -7.90
N GLN A 307 32.73 -10.59 -8.76
CA GLN A 307 31.91 -11.73 -8.38
C GLN A 307 32.62 -12.62 -7.36
N PHE A 308 33.95 -12.61 -7.35
CA PHE A 308 34.73 -13.49 -6.49
C PHE A 308 35.06 -12.87 -5.13
N TYR A 309 34.30 -11.85 -4.72
CA TYR A 309 34.49 -11.26 -3.40
C TYR A 309 33.92 -12.18 -2.32
N THR A 310 34.63 -12.30 -1.21
CA THR A 310 34.27 -13.20 -0.13
C THR A 310 33.63 -12.41 1.01
N LEU A 311 32.34 -12.63 1.23
CA LEU A 311 31.62 -11.96 2.29
C LEU A 311 32.10 -12.43 3.66
N ALA A 312 32.19 -11.49 4.60
CA ALA A 312 32.36 -11.86 5.99
C ALA A 312 31.11 -12.60 6.47
N PRO A 313 31.26 -13.68 7.23
CA PRO A 313 30.08 -14.44 7.67
C PRO A 313 29.23 -13.63 8.62
N MET A 314 27.92 -13.85 8.55
CA MET A 314 26.99 -13.20 9.47
C MET A 314 26.52 -14.19 10.54
N LYS B 1 22.15 20.55 -0.47
CA LYS B 1 21.30 19.51 -1.06
C LYS B 1 20.10 20.11 -1.80
N PRO B 2 20.12 20.05 -3.12
CA PRO B 2 19.04 20.67 -3.91
C PRO B 2 17.71 19.96 -3.69
N PHE B 3 16.65 20.74 -3.73
CA PHE B 3 15.30 20.19 -3.59
C PHE B 3 14.88 19.50 -4.88
N THR B 4 14.22 18.34 -4.75
CA THR B 4 13.73 17.61 -5.91
C THR B 4 12.39 16.95 -5.62
N LEU B 5 11.65 16.69 -6.68
CA LEU B 5 10.48 15.83 -6.64
C LEU B 5 10.77 14.55 -7.41
N PRO B 6 10.13 13.44 -7.07
CA PRO B 6 10.27 12.25 -7.91
C PRO B 6 9.62 12.48 -9.28
N ILE B 7 10.05 11.70 -10.26
CA ILE B 7 9.44 11.72 -11.59
C ILE B 7 8.46 10.55 -11.62
N LEU B 8 7.19 10.86 -11.37
CA LEU B 8 6.13 9.86 -11.31
C LEU B 8 4.87 10.47 -11.91
N THR B 9 4.25 9.75 -12.83
CA THR B 9 2.96 10.16 -13.36
C THR B 9 1.87 9.87 -12.33
N LEU B 10 0.66 10.38 -12.61
CA LEU B 10 -0.45 10.14 -11.69
C LEU B 10 -0.76 8.65 -11.57
N GLY B 11 -0.58 7.89 -12.65
CA GLY B 11 -0.73 6.45 -12.56
C GLY B 11 0.41 5.74 -11.87
N GLU B 12 1.39 6.48 -11.36
CA GLU B 12 2.48 5.95 -10.56
C GLU B 12 2.46 6.51 -9.15
N LEU B 13 1.35 7.12 -8.73
CA LEU B 13 1.21 7.74 -7.42
C LEU B 13 0.07 7.08 -6.64
N THR B 14 0.21 7.06 -5.31
CA THR B 14 -0.85 6.58 -4.44
C THR B 14 -1.22 7.64 -3.41
N ASN B 15 -2.45 7.55 -2.92
CA ASN B 15 -2.97 8.50 -1.95
C ASN B 15 -2.29 8.32 -0.60
N SER B 16 -2.10 9.43 0.10
CA SER B 16 -1.43 9.39 1.40
C SER B 16 -2.42 9.38 2.57
N ARG B 17 -3.73 9.43 2.29
CA ARG B 17 -4.75 9.44 3.33
C ARG B 17 -5.66 8.21 3.29
N PHE B 18 -5.52 7.35 2.28
CA PHE B 18 -6.20 6.07 2.23
C PHE B 18 -5.47 5.21 1.21
N PRO B 19 -5.37 3.88 1.40
CA PRO B 19 -4.60 3.05 0.45
C PRO B 19 -5.26 2.90 -0.92
N LEU B 20 -5.04 3.87 -1.79
CA LEU B 20 -5.71 3.97 -3.09
C LEU B 20 -4.75 4.58 -4.10
N PRO B 21 -4.84 4.19 -5.36
CA PRO B 21 -4.09 4.91 -6.40
C PRO B 21 -4.66 6.31 -6.58
N ILE B 22 -3.82 7.23 -7.02
CA ILE B 22 -4.30 8.54 -7.41
C ILE B 22 -5.06 8.42 -8.73
N ASP B 23 -6.27 8.97 -8.78
CA ASP B 23 -7.08 8.88 -9.98
C ASP B 23 -7.01 10.14 -10.83
N VAL B 24 -7.02 11.32 -10.19
CA VAL B 24 -7.10 12.58 -10.93
C VAL B 24 -6.61 13.69 -10.03
N LEU B 25 -6.09 14.76 -10.63
CA LEU B 25 -5.92 16.02 -9.93
C LEU B 25 -7.27 16.74 -9.84
N TYR B 26 -7.43 17.58 -8.82
CA TYR B 26 -8.76 18.04 -8.49
C TYR B 26 -8.70 19.35 -7.71
N THR B 27 -9.58 20.29 -8.06
CA THR B 27 -9.76 21.51 -7.30
C THR B 27 -11.20 21.65 -6.87
N ASN B 28 -11.39 22.33 -5.74
CA ASN B 28 -12.74 22.68 -5.26
C ASN B 28 -12.67 24.05 -4.59
N PRO B 29 -12.60 25.13 -5.38
CA PRO B 29 -12.42 26.46 -4.79
C PRO B 29 -13.52 26.87 -3.82
N ASN B 30 -14.77 26.47 -4.08
CA ASN B 30 -15.89 26.83 -3.23
C ASN B 30 -15.95 26.01 -1.94
N GLU B 31 -14.89 25.29 -1.60
CA GLU B 31 -14.86 24.52 -0.37
C GLU B 31 -14.94 25.45 0.84
N SER B 32 -15.94 25.20 1.70
CA SER B 32 -16.12 26.01 2.89
C SER B 32 -15.44 25.43 4.12
N ALA B 33 -15.16 24.14 4.14
CA ALA B 33 -14.57 23.52 5.32
C ALA B 33 -13.09 23.88 5.43
N ILE B 34 -12.59 23.87 6.66
CA ILE B 34 -11.19 24.06 6.94
C ILE B 34 -10.43 22.79 6.60
N VAL B 35 -9.37 22.90 5.82
CA VAL B 35 -8.60 21.76 5.39
C VAL B 35 -7.46 21.55 6.37
N GLN B 36 -7.52 20.46 7.13
CA GLN B 36 -6.51 20.19 8.16
C GLN B 36 -6.31 18.69 8.33
N CYS B 37 -6.09 17.98 7.23
CA CYS B 37 -5.87 16.55 7.34
C CYS B 37 -4.52 16.27 8.01
N GLN B 38 -4.40 15.07 8.55
CA GLN B 38 -3.27 14.68 9.39
C GLN B 38 -2.40 13.58 8.80
N ASN B 39 -2.91 12.83 7.85
CA ASN B 39 -2.10 11.92 7.05
C ASN B 39 -1.70 12.63 5.76
N GLY B 40 -0.60 12.16 5.18
CA GLY B 40 -0.02 12.83 4.02
C GLY B 40 0.48 14.23 4.31
N ARG B 41 1.04 14.45 5.49
CA ARG B 41 1.52 15.78 5.88
C ARG B 41 3.03 15.70 6.06
N CYS B 42 3.76 16.51 5.29
CA CYS B 42 5.20 16.53 5.32
C CYS B 42 5.67 17.88 4.78
N THR B 43 6.59 18.53 5.50
CA THR B 43 7.20 19.74 4.99
C THR B 43 8.12 19.42 3.82
N LEU B 44 8.43 20.44 3.03
CA LEU B 44 9.31 20.24 1.88
C LEU B 44 10.73 19.85 2.29
N ASP B 45 11.14 20.16 3.53
CA ASP B 45 12.45 19.71 3.99
C ASP B 45 12.39 18.38 4.72
N GLY B 46 11.25 17.69 4.68
CA GLY B 46 11.17 16.30 5.08
C GLY B 46 10.70 16.01 6.49
N GLU B 47 10.04 16.95 7.16
CA GLU B 47 9.51 16.73 8.50
C GLU B 47 8.09 16.18 8.39
N LEU B 48 7.91 14.92 8.80
CA LEU B 48 6.57 14.35 8.89
C LEU B 48 5.77 15.05 9.98
N GLN B 49 4.47 15.27 9.74
CA GLN B 49 3.62 15.95 10.71
C GLN B 49 2.30 15.21 10.87
N GLY B 50 1.54 15.61 11.89
CA GLY B 50 0.25 14.96 12.14
C GLY B 50 0.43 13.50 12.54
N THR B 51 -0.37 12.62 11.94
CA THR B 51 -0.25 11.19 12.13
C THR B 51 0.46 10.51 10.95
N THR B 52 1.20 11.27 10.15
CA THR B 52 1.77 10.72 8.92
C THR B 52 2.93 9.78 9.24
N GLN B 53 2.92 8.62 8.58
CA GLN B 53 4.04 7.69 8.64
C GLN B 53 4.35 7.22 7.22
N LEU B 54 5.44 6.44 7.07
CA LEU B 54 5.97 6.19 5.73
C LEU B 54 5.34 4.99 5.01
N LEU B 55 4.72 4.07 5.73
CA LEU B 55 4.28 2.82 5.12
C LEU B 55 2.96 3.02 4.40
N PRO B 56 2.86 2.70 3.11
CA PRO B 56 1.54 2.72 2.46
C PRO B 56 0.57 1.74 3.08
N THR B 57 1.06 0.66 3.69
CA THR B 57 0.22 -0.29 4.42
C THR B 57 -0.22 0.22 5.78
N GLY B 58 0.35 1.31 6.27
CA GLY B 58 -0.03 1.81 7.58
C GLY B 58 -1.15 2.84 7.56
N ILE B 59 -1.47 3.36 6.38
CA ILE B 59 -2.45 4.42 6.25
C ILE B 59 -3.84 3.86 6.55
N CYS B 60 -4.50 4.41 7.57
CA CYS B 60 -5.82 3.98 8.04
C CYS B 60 -5.82 2.53 8.52
N ALA B 61 -4.65 2.02 8.93
CA ALA B 61 -4.53 0.69 9.51
C ALA B 61 -4.40 0.78 11.03
N PHE B 62 -4.66 -0.35 11.68
CA PHE B 62 -4.51 -0.50 13.12
C PHE B 62 -3.90 -1.86 13.44
N ARG B 63 -3.10 -1.90 14.50
CA ARG B 63 -2.66 -3.13 15.12
C ARG B 63 -3.05 -3.11 16.58
N GLY B 64 -3.38 -4.28 17.12
CA GLY B 64 -3.62 -4.34 18.56
C GLY B 64 -4.19 -5.68 18.97
N LYS B 65 -5.12 -5.62 19.93
CA LYS B 65 -5.72 -6.80 20.53
C LYS B 65 -7.16 -6.50 20.87
N VAL B 66 -8.08 -7.36 20.42
CA VAL B 66 -9.45 -7.29 20.92
C VAL B 66 -9.43 -7.60 22.42
N THR B 67 -10.09 -6.75 23.21
CA THR B 67 -10.21 -7.02 24.64
C THR B 67 -11.51 -7.76 24.97
N GLN B 68 -12.64 -7.29 24.46
CA GLN B 68 -13.92 -7.93 24.75
C GLN B 68 -14.96 -7.46 23.73
N GLN B 69 -16.01 -8.25 23.60
CA GLN B 69 -17.23 -7.79 22.94
C GLN B 69 -17.92 -6.75 23.83
N VAL B 70 -18.55 -5.75 23.22
CA VAL B 70 -19.20 -4.70 23.99
C VAL B 70 -20.60 -4.43 23.44
N GLN B 71 -21.39 -3.74 24.25
CA GLN B 71 -22.77 -3.41 23.93
C GLN B 71 -22.85 -2.06 23.23
N ASP B 72 -23.92 -1.89 22.44
CA ASP B 72 -24.18 -0.66 21.71
C ASP B 72 -25.63 -0.67 21.23
N GLU B 73 -26.35 0.44 21.44
CA GLU B 73 -27.76 0.51 21.04
C GLU B 73 -27.93 0.32 19.54
N HIS B 74 -26.87 0.48 18.76
CA HIS B 74 -26.92 0.26 17.32
C HIS B 74 -26.85 -1.24 17.01
N ARG B 75 -27.51 -1.63 15.94
CA ARG B 75 -27.48 -3.02 15.52
C ARG B 75 -26.08 -3.41 15.06
N GLY B 76 -25.80 -4.71 15.10
CA GLY B 76 -24.50 -5.24 14.77
C GLY B 76 -23.80 -5.84 15.98
N THR B 77 -22.57 -6.27 15.75
CA THR B 77 -21.77 -6.90 16.79
C THR B 77 -20.50 -6.07 17.00
N HIS B 78 -20.24 -5.71 18.26
CA HIS B 78 -19.31 -4.64 18.59
C HIS B 78 -18.20 -5.16 19.49
N TRP B 79 -16.98 -4.71 19.21
CA TRP B 79 -15.78 -5.21 19.84
C TRP B 79 -14.87 -4.06 20.24
N ASN B 80 -14.33 -4.13 21.45
CA ASN B 80 -13.32 -3.18 21.89
C ASN B 80 -11.93 -3.71 21.56
N MET B 81 -11.08 -2.82 21.09
CA MET B 81 -9.73 -3.15 20.65
C MET B 81 -8.75 -2.15 21.27
N THR B 82 -7.72 -2.65 21.95
CA THR B 82 -6.57 -1.80 22.23
C THR B 82 -5.77 -1.62 20.95
N VAL B 83 -5.20 -0.44 20.74
CA VAL B 83 -4.35 -0.20 19.58
C VAL B 83 -2.94 0.11 20.06
N THR B 84 -1.96 -0.48 19.39
CA THR B 84 -0.56 -0.19 19.63
C THR B 84 -0.04 0.68 18.48
N ASN B 85 1.26 0.95 18.49
CA ASN B 85 1.87 1.46 17.27
C ASN B 85 1.84 0.37 16.21
N LEU B 86 1.99 0.80 14.96
CA LEU B 86 1.86 -0.16 13.85
C LEU B 86 2.96 -1.22 13.90
N ASN B 87 4.12 -0.90 14.47
CA ASN B 87 5.21 -1.86 14.59
C ASN B 87 5.05 -2.81 15.78
N GLY B 88 3.96 -2.72 16.51
CA GLY B 88 3.69 -3.61 17.62
C GLY B 88 4.07 -3.07 18.97
N THR B 89 4.90 -2.02 19.04
CA THR B 89 5.26 -1.44 20.32
C THR B 89 4.05 -0.73 20.93
N PRO B 90 3.96 -0.66 22.25
CA PRO B 90 2.82 0.04 22.88
C PRO B 90 2.83 1.52 22.52
N PHE B 91 1.63 2.06 22.30
CA PHE B 91 1.51 3.48 22.02
C PHE B 91 1.69 4.29 23.30
N ASP B 92 2.58 5.26 23.25
CA ASP B 92 2.85 6.18 24.34
C ASP B 92 2.01 7.43 24.18
N PRO B 93 0.90 7.56 24.92
CA PRO B 93 0.02 8.73 24.73
C PRO B 93 0.69 10.05 25.03
N THR B 94 1.87 10.07 25.66
CA THR B 94 2.57 11.32 25.93
C THR B 94 3.38 11.80 24.74
N GLU B 95 3.59 10.95 23.73
CA GLU B 95 4.33 11.38 22.55
C GLU B 95 3.57 12.49 21.83
N ASP B 96 4.33 13.43 21.26
CA ASP B 96 3.77 14.64 20.66
C ASP B 96 3.19 14.33 19.28
N VAL B 97 2.15 13.50 19.29
CA VAL B 97 1.41 13.13 18.08
C VAL B 97 -0.06 13.16 18.38
N PRO B 98 -0.90 13.34 17.34
CA PRO B 98 -2.35 13.35 17.60
C PRO B 98 -2.90 11.99 17.99
N ALA B 99 -2.24 10.92 17.58
CA ALA B 99 -2.76 9.56 17.65
C ALA B 99 -1.66 8.63 17.17
N PRO B 100 -1.78 7.31 17.32
CA PRO B 100 -0.84 6.42 16.65
C PRO B 100 -0.72 6.78 15.19
N LEU B 101 0.51 6.82 14.69
CA LEU B 101 0.72 7.16 13.28
C LEU B 101 -0.06 6.21 12.38
N GLY B 102 -0.66 6.76 11.33
CA GLY B 102 -1.53 6.00 10.44
C GLY B 102 -3.02 6.07 10.79
N THR B 103 -3.37 6.52 11.99
CA THR B 103 -4.78 6.62 12.39
C THR B 103 -5.56 7.39 11.32
N PRO B 104 -6.77 6.95 10.96
CA PRO B 104 -7.61 7.72 10.04
C PRO B 104 -7.74 9.18 10.47
N ASP B 105 -7.80 10.09 9.49
CA ASP B 105 -7.88 11.51 9.79
C ASP B 105 -9.20 12.13 9.33
N PHE B 106 -10.26 11.34 9.20
CA PHE B 106 -11.51 11.90 8.72
C PHE B 106 -12.69 11.17 9.37
N SER B 107 -13.83 11.85 9.36
CA SER B 107 -15.07 11.31 9.90
C SER B 107 -15.72 10.40 8.87
N GLY B 108 -16.03 9.18 9.27
CA GLY B 108 -16.76 8.30 8.39
C GLY B 108 -16.82 6.90 8.96
N GLN B 109 -17.54 6.05 8.25
CA GLN B 109 -17.63 4.63 8.58
C GLN B 109 -16.61 3.91 7.72
N ILE B 110 -15.43 3.64 8.28
CA ILE B 110 -14.34 3.05 7.51
C ILE B 110 -14.53 1.55 7.49
N TYR B 111 -14.60 0.99 6.29
CA TYR B 111 -14.90 -0.41 6.04
C TYR B 111 -13.61 -1.16 5.74
N GLY B 112 -13.46 -2.33 6.34
CA GLY B 112 -12.26 -3.09 6.10
C GLY B 112 -12.38 -4.50 6.62
N VAL B 113 -11.23 -5.12 6.83
CA VAL B 113 -11.15 -6.51 7.28
C VAL B 113 -10.34 -6.53 8.56
N ILE B 114 -10.93 -7.06 9.63
CA ILE B 114 -10.24 -7.40 10.86
C ILE B 114 -9.75 -8.83 10.75
N SER B 115 -8.47 -9.06 11.03
CA SER B 115 -7.91 -10.40 10.99
C SER B 115 -7.13 -10.67 12.27
N GLN B 116 -7.07 -11.94 12.63
CA GLN B 116 -6.43 -12.36 13.87
C GLN B 116 -5.58 -13.60 13.62
N ARG B 117 -4.44 -13.64 14.28
CA ARG B 117 -3.60 -14.82 14.35
C ARG B 117 -3.27 -15.03 15.82
N ASN B 118 -3.70 -16.16 16.37
CA ASN B 118 -3.60 -16.40 17.80
C ASN B 118 -2.15 -16.50 18.26
N THR B 119 -1.91 -16.08 19.50
CA THR B 119 -0.60 -16.21 20.11
C THR B 119 -0.28 -17.66 20.42
N ASN B 120 -1.27 -18.40 20.92
CA ASN B 120 -1.08 -19.79 21.32
C ASN B 120 -1.17 -20.71 20.11
N THR B 121 -0.30 -21.71 20.06
CA THR B 121 -0.26 -22.69 18.98
C THR B 121 -0.91 -24.00 19.43
N VAL B 122 -1.26 -24.83 18.46
CA VAL B 122 -1.94 -26.09 18.72
C VAL B 122 -1.12 -27.26 18.19
N PRO B 123 -0.48 -28.05 19.06
CA PRO B 123 0.30 -29.23 18.66
C PRO B 123 -0.51 -30.25 17.87
N GLY B 126 -0.41 -28.95 14.52
CA GLY B 126 1.01 -29.07 14.25
C GLY B 126 1.81 -27.91 14.80
N ASN B 127 1.51 -27.52 16.04
CA ASN B 127 2.11 -26.35 16.68
C ASN B 127 1.87 -25.09 15.86
N LEU B 128 0.68 -24.99 15.27
CA LEU B 128 0.30 -23.84 14.46
C LEU B 128 -0.85 -23.09 15.09
N PRO B 129 -0.88 -21.76 14.98
CA PRO B 129 -1.96 -20.97 15.57
C PRO B 129 -3.19 -20.93 14.67
N ALA B 130 -4.34 -20.71 15.31
CA ALA B 130 -5.63 -20.54 14.64
C ALA B 130 -5.80 -19.11 14.14
N ASN B 131 -6.63 -18.95 13.11
CA ASN B 131 -6.81 -17.67 12.44
C ASN B 131 -8.29 -17.41 12.16
N ARG B 132 -8.65 -16.13 12.06
CA ARG B 132 -9.97 -15.75 11.55
C ARG B 132 -9.91 -14.34 10.98
N ALA B 133 -10.79 -14.06 10.02
CA ALA B 133 -10.90 -12.71 9.48
C ALA B 133 -12.35 -12.42 9.14
N HIS B 134 -12.78 -11.18 9.37
CA HIS B 134 -14.14 -10.80 9.04
C HIS B 134 -14.19 -9.34 8.59
N GLU B 135 -15.18 -9.04 7.77
CA GLU B 135 -15.51 -7.65 7.45
C GLU B 135 -15.80 -6.89 8.74
N ALA B 136 -15.35 -5.63 8.77
CA ALA B 136 -15.54 -4.80 9.95
C ALA B 136 -15.67 -3.35 9.54
N VAL B 137 -16.28 -2.56 10.41
CA VAL B 137 -16.49 -1.14 10.20
C VAL B 137 -16.05 -0.40 11.45
N ILE B 138 -15.30 0.68 11.26
CA ILE B 138 -14.88 1.57 12.36
C ILE B 138 -15.51 2.93 12.10
N ALA B 139 -16.36 3.37 13.02
CA ALA B 139 -16.96 4.71 12.91
C ALA B 139 -16.04 5.69 13.63
N THR B 140 -15.26 6.45 12.85
CA THR B 140 -14.29 7.36 13.44
C THR B 140 -14.94 8.52 14.18
N TYR B 141 -16.23 8.76 13.98
CA TYR B 141 -16.96 9.83 14.65
C TYR B 141 -17.57 9.39 15.97
N SER B 142 -17.45 8.12 16.32
CA SER B 142 -18.07 7.59 17.52
C SER B 142 -17.34 8.06 18.78
N PRO B 143 -18.05 8.26 19.88
CA PRO B 143 -17.35 8.51 21.16
C PRO B 143 -16.40 7.40 21.55
N LYS B 144 -16.59 6.18 21.03
CA LYS B 144 -15.73 5.05 21.35
C LYS B 144 -14.45 5.02 20.52
N PHE B 145 -14.29 5.91 19.56
CA PHE B 145 -13.07 6.00 18.76
C PHE B 145 -12.11 6.91 19.51
N THR B 146 -11.26 6.31 20.35
CA THR B 146 -10.30 7.05 21.16
C THR B 146 -8.90 6.48 20.96
N PRO B 147 -8.36 6.54 19.74
CA PRO B 147 -7.05 5.93 19.49
C PRO B 147 -5.91 6.59 20.24
N LYS B 148 -6.02 7.90 20.53
CA LYS B 148 -5.00 8.56 21.36
C LYS B 148 -4.97 8.00 22.77
N LEU B 149 -6.10 7.49 23.27
CA LEU B 149 -6.11 6.81 24.56
C LEU B 149 -5.73 5.35 24.44
N GLY B 150 -5.37 4.88 23.24
CA GLY B 150 -4.92 3.52 23.07
C GLY B 150 -6.01 2.48 22.91
N ASN B 151 -7.23 2.88 22.56
CA ASN B 151 -8.23 1.85 22.29
C ASN B 151 -9.32 2.42 21.39
N ILE B 152 -9.90 1.55 20.57
CA ILE B 152 -10.98 1.90 19.66
C ILE B 152 -12.02 0.79 19.68
N GLN B 153 -13.11 1.00 18.95
CA GLN B 153 -14.18 0.02 18.81
C GLN B 153 -14.45 -0.20 17.33
N PHE B 154 -14.61 -1.46 16.94
CA PHE B 154 -15.07 -1.80 15.60
C PHE B 154 -16.28 -2.72 15.69
N SER B 155 -16.98 -2.84 14.58
CA SER B 155 -18.19 -3.64 14.51
C SER B 155 -18.14 -4.56 13.31
N THR B 156 -18.86 -5.68 13.42
CA THR B 156 -18.86 -6.72 12.41
C THR B 156 -20.30 -7.11 12.10
N TRP B 157 -20.51 -7.57 10.87
CA TRP B 157 -21.70 -8.38 10.60
C TRP B 157 -21.64 -9.68 11.38
N GLU B 158 -20.47 -10.33 11.38
CA GLU B 158 -20.27 -11.57 12.10
C GLU B 158 -20.62 -11.40 13.57
N THR B 159 -21.45 -12.30 14.10
CA THR B 159 -21.95 -12.15 15.45
C THR B 159 -21.12 -12.86 16.52
N GLN B 160 -20.12 -13.67 16.14
CA GLN B 160 -19.49 -14.49 17.16
C GLN B 160 -17.99 -14.73 16.97
N ASP B 161 -17.54 -14.92 15.73
CA ASP B 161 -16.21 -15.46 15.45
C ASP B 161 -15.15 -14.36 15.47
N VAL B 162 -15.03 -13.70 16.62
CA VAL B 162 -13.93 -12.77 16.89
C VAL B 162 -13.43 -13.11 18.29
N SER B 163 -12.11 -13.29 18.44
CA SER B 163 -11.54 -13.82 19.68
C SER B 163 -10.93 -12.71 20.53
N SER B 164 -11.15 -12.80 21.84
CA SER B 164 -10.62 -11.82 22.77
C SER B 164 -9.17 -12.14 23.11
N GLY B 165 -8.39 -11.09 23.37
CA GLY B 165 -7.01 -11.25 23.78
C GLY B 165 -6.05 -11.72 22.72
N GLN B 166 -6.44 -11.70 21.46
CA GLN B 166 -5.55 -12.20 20.41
C GLN B 166 -5.09 -11.07 19.50
N PRO B 167 -3.87 -11.16 18.96
CA PRO B 167 -3.36 -10.12 18.07
C PRO B 167 -4.29 -9.85 16.90
N THR B 168 -4.61 -8.57 16.70
CA THR B 168 -5.65 -8.17 15.78
C THR B 168 -5.10 -7.12 14.83
N LYS B 169 -5.47 -7.25 13.56
CA LYS B 169 -5.06 -6.31 12.51
C LYS B 169 -6.30 -5.81 11.79
N PHE B 170 -6.31 -4.52 11.44
CA PHE B 170 -7.35 -3.93 10.60
C PHE B 170 -6.74 -3.50 9.28
N THR B 171 -7.26 -4.06 8.19
CA THR B 171 -6.87 -3.70 6.83
C THR B 171 -7.98 -2.86 6.22
N PRO B 172 -7.75 -1.58 5.94
CA PRO B 172 -8.82 -0.74 5.35
C PRO B 172 -9.10 -1.11 3.91
N VAL B 173 -10.37 -0.99 3.52
CA VAL B 173 -10.77 -1.30 2.15
C VAL B 173 -11.52 -0.11 1.55
N GLY B 174 -12.38 0.51 2.33
CA GLY B 174 -13.18 1.63 1.83
C GLY B 174 -14.12 2.19 2.87
N LEU B 175 -15.32 2.60 2.45
CA LEU B 175 -16.34 3.13 3.35
C LEU B 175 -17.54 2.22 3.38
N ALA B 176 -18.21 2.17 4.54
CA ALA B 176 -19.44 1.38 4.63
C ALA B 176 -20.59 2.07 3.88
N SER B 177 -20.70 3.39 4.02
CA SER B 177 -21.80 4.15 3.47
C SER B 177 -21.39 5.61 3.41
N VAL B 178 -22.04 6.35 2.51
CA VAL B 178 -21.96 7.81 2.50
C VAL B 178 -23.38 8.38 2.49
N ASP B 179 -24.35 7.64 3.03
CA ASP B 179 -25.71 8.17 3.10
C ASP B 179 -25.78 9.31 4.12
N ALA B 180 -27.00 9.83 4.32
CA ALA B 180 -27.18 11.03 5.13
C ALA B 180 -26.85 10.81 6.60
N ASN B 181 -26.97 9.57 7.08
CA ASN B 181 -26.66 9.25 8.47
C ASN B 181 -25.32 8.55 8.63
N SER B 182 -24.43 8.68 7.64
CA SER B 182 -23.13 8.00 7.71
C SER B 182 -22.02 8.90 8.22
N HIS B 183 -22.24 10.22 8.31
CA HIS B 183 -21.29 11.17 8.88
C HIS B 183 -19.98 11.23 8.10
N PHE B 184 -20.01 10.97 6.79
CA PHE B 184 -18.79 11.03 6.01
C PHE B 184 -18.45 12.49 5.70
N ASP B 185 -17.30 12.94 6.19
CA ASP B 185 -16.79 14.27 5.85
C ASP B 185 -15.28 14.19 5.90
N GLN B 186 -14.63 14.20 4.73
CA GLN B 186 -13.19 13.99 4.67
C GLN B 186 -12.39 15.10 5.33
N TRP B 187 -13.01 16.25 5.64
CA TRP B 187 -12.29 17.35 6.25
C TRP B 187 -12.60 17.53 7.72
N THR B 188 -13.52 16.74 8.28
CA THR B 188 -13.80 16.79 9.71
C THR B 188 -12.90 15.79 10.41
N LEU B 189 -12.09 16.27 11.35
CA LEU B 189 -11.17 15.39 12.06
C LEU B 189 -11.93 14.53 13.07
N PRO B 190 -11.47 13.31 13.32
CA PRO B 190 -11.93 12.58 14.51
C PRO B 190 -11.51 13.31 15.77
N SER B 191 -12.25 13.07 16.84
CA SER B 191 -11.79 13.45 18.19
C SER B 191 -10.94 12.28 18.69
N TYR B 192 -9.62 12.40 18.53
CA TYR B 192 -8.74 11.28 18.79
C TYR B 192 -8.78 10.80 20.24
N SER B 193 -9.17 11.65 21.19
CA SER B 193 -9.27 11.28 22.60
C SER B 193 -10.69 11.30 23.13
N GLY B 194 -11.69 11.48 22.28
CA GLY B 194 -13.07 11.47 22.73
C GLY B 194 -13.67 12.88 22.76
N ALA B 195 -14.96 12.91 23.12
CA ALA B 195 -15.78 14.09 22.86
C ALA B 195 -15.47 15.25 23.79
N LEU B 196 -14.84 15.01 24.94
CA LEU B 196 -14.54 16.06 25.89
C LEU B 196 -13.11 16.54 25.81
N THR B 197 -12.36 16.13 24.79
CA THR B 197 -10.92 16.38 24.75
C THR B 197 -10.54 17.00 23.42
N LEU B 198 -9.56 17.91 23.47
CA LEU B 198 -9.07 18.62 22.31
C LEU B 198 -8.00 17.79 21.60
N ASN B 199 -8.06 17.76 20.27
CA ASN B 199 -6.97 17.18 19.50
C ASN B 199 -5.69 17.97 19.73
N MET B 200 -4.56 17.26 19.78
CA MET B 200 -3.27 17.85 20.10
C MET B 200 -2.24 17.50 19.02
N ASN B 201 -1.20 18.33 18.95
CA ASN B 201 -0.05 18.10 18.07
C ASN B 201 -0.46 17.96 16.61
N LEU B 202 -1.42 18.77 16.19
CA LEU B 202 -1.97 18.67 14.84
C LEU B 202 -1.03 19.30 13.81
N ALA B 203 -1.00 18.71 12.63
CA ALA B 203 -0.44 19.41 11.49
C ALA B 203 -1.31 20.62 11.19
N PRO B 204 -0.74 21.75 10.77
CA PRO B 204 -1.54 22.97 10.65
C PRO B 204 -2.48 22.91 9.46
N SER B 205 -3.52 23.72 9.53
CA SER B 205 -4.47 23.85 8.43
C SER B 205 -3.76 24.49 7.23
N VAL B 206 -4.27 24.21 6.05
CA VAL B 206 -3.69 24.75 4.83
C VAL B 206 -4.76 25.52 4.08
N ALA B 207 -4.34 26.56 3.38
CA ALA B 207 -5.26 27.40 2.62
C ALA B 207 -4.45 28.29 1.69
N PRO B 208 -5.00 28.68 0.54
CA PRO B 208 -4.33 29.69 -0.28
C PRO B 208 -4.40 31.04 0.41
N VAL B 209 -3.27 31.74 0.47
CA VAL B 209 -3.19 33.06 1.06
C VAL B 209 -3.12 34.14 -0.02
N PHE B 210 -3.46 33.80 -1.25
CA PHE B 210 -3.32 34.64 -2.43
C PHE B 210 -4.64 34.71 -3.17
N PRO B 211 -5.05 35.90 -3.61
CA PRO B 211 -6.34 36.03 -4.31
C PRO B 211 -6.37 35.25 -5.62
N GLY B 212 -7.49 34.58 -5.86
CA GLY B 212 -7.65 33.79 -7.06
C GLY B 212 -7.06 32.40 -7.00
N GLU B 213 -6.32 32.06 -5.94
CA GLU B 213 -5.72 30.74 -5.85
C GLU B 213 -6.64 29.78 -5.09
N CYS B 214 -6.49 28.49 -5.39
CA CYS B 214 -7.18 27.46 -4.65
C CYS B 214 -6.24 26.29 -4.42
N LEU B 215 -6.61 25.44 -3.49
CA LEU B 215 -5.86 24.23 -3.23
C LEU B 215 -5.99 23.27 -4.41
N LEU B 216 -4.91 22.55 -4.70
CA LEU B 216 -4.91 21.51 -5.71
C LEU B 216 -4.67 20.18 -5.01
N PHE B 217 -5.57 19.22 -5.23
CA PHE B 217 -5.54 17.94 -4.54
C PHE B 217 -5.18 16.81 -5.50
N PHE B 218 -4.59 15.76 -4.94
CA PHE B 218 -4.48 14.46 -5.59
C PHE B 218 -5.66 13.60 -5.12
N ARG B 219 -6.58 13.28 -6.02
CA ARG B 219 -7.86 12.70 -5.64
C ARG B 219 -7.94 11.22 -5.98
N SER B 220 -8.49 10.43 -5.05
CA SER B 220 -8.71 9.01 -5.23
C SER B 220 -10.16 8.70 -4.92
N PHE B 221 -10.78 7.85 -5.73
CA PHE B 221 -12.14 7.41 -5.45
C PHE B 221 -12.07 6.17 -4.57
N ILE B 222 -12.89 6.14 -3.53
CA ILE B 222 -12.77 5.19 -2.42
C ILE B 222 -13.94 4.20 -2.52
N PRO B 223 -13.68 2.89 -2.43
CA PRO B 223 -14.78 1.92 -2.59
C PRO B 223 -15.82 2.05 -1.50
N LEU B 224 -17.02 1.53 -1.80
CA LEU B 224 -18.16 1.50 -0.91
C LEU B 224 -18.67 0.07 -0.73
N LYS B 225 -18.99 -0.30 0.52
CA LYS B 225 -19.57 -1.60 0.77
C LYS B 225 -20.97 -1.72 0.16
N GLY B 226 -21.72 -0.63 0.12
CA GLY B 226 -23.06 -0.66 -0.46
C GLY B 226 -23.61 0.74 -0.58
N GLY B 227 -24.88 0.82 -0.98
CA GLY B 227 -25.54 2.11 -1.11
C GLY B 227 -25.09 2.86 -2.35
N TYR B 228 -25.52 4.12 -2.41
CA TYR B 228 -25.26 5.00 -3.55
C TYR B 228 -24.19 6.03 -3.18
N GLY B 229 -23.44 6.45 -4.18
CA GLY B 229 -22.45 7.50 -4.01
C GLY B 229 -21.22 7.25 -4.87
N ASN B 230 -20.40 8.30 -5.02
CA ASN B 230 -19.10 8.21 -5.69
C ASN B 230 -18.04 8.92 -4.83
N PRO B 231 -17.85 8.47 -3.60
CA PRO B 231 -17.02 9.22 -2.66
C PRO B 231 -15.55 9.21 -3.04
N ALA B 232 -14.86 10.28 -2.67
CA ALA B 232 -13.44 10.44 -2.98
C ALA B 232 -12.70 10.95 -1.75
N ILE B 233 -11.39 10.73 -1.74
CA ILE B 233 -10.49 11.20 -0.71
C ILE B 233 -9.40 12.03 -1.40
N ASP B 234 -9.25 13.27 -0.96
CA ASP B 234 -8.29 14.21 -1.53
C ASP B 234 -7.11 14.36 -0.59
N CYS B 235 -5.90 14.15 -1.09
CA CYS B 235 -4.70 14.34 -0.27
C CYS B 235 -3.87 15.49 -0.82
N LEU B 236 -3.08 16.11 0.07
CA LEU B 236 -2.32 17.29 -0.31
C LEU B 236 -1.10 16.93 -1.16
N MET B 237 -0.48 15.79 -0.87
CA MET B 237 0.65 15.25 -1.61
C MET B 237 0.54 13.74 -1.58
N PRO B 238 0.90 13.05 -2.66
CA PRO B 238 0.84 11.59 -2.66
C PRO B 238 1.87 11.00 -1.72
N GLN B 239 1.63 9.73 -1.33
CA GLN B 239 2.52 9.07 -0.39
C GLN B 239 3.97 9.04 -0.88
N GLU B 240 4.16 8.89 -2.19
CA GLU B 240 5.52 8.87 -2.74
C GLU B 240 6.23 10.20 -2.56
N TRP B 241 5.49 11.32 -2.59
CA TRP B 241 6.12 12.61 -2.29
C TRP B 241 6.52 12.69 -0.83
N VAL B 242 5.63 12.27 0.08
CA VAL B 242 5.99 12.18 1.50
C VAL B 242 7.28 11.39 1.65
N GLN B 243 7.32 10.19 1.07
CA GLN B 243 8.50 9.33 1.20
C GLN B 243 9.74 9.98 0.59
N HIS B 244 9.59 10.65 -0.55
CA HIS B 244 10.75 11.27 -1.19
C HIS B 244 11.25 12.46 -0.38
N LEU B 245 10.35 13.35 0.02
CA LEU B 245 10.75 14.52 0.81
C LEU B 245 11.45 14.10 2.09
N TYR B 246 10.90 13.11 2.79
CA TYR B 246 11.55 12.58 3.99
C TYR B 246 12.96 12.08 3.69
N GLN B 247 13.13 11.32 2.60
CA GLN B 247 14.45 10.78 2.27
C GLN B 247 15.45 11.89 1.97
N GLU B 248 15.03 12.89 1.20
CA GLU B 248 15.98 13.87 0.70
C GLU B 248 16.37 14.88 1.78
N SER B 249 15.40 15.29 2.60
CA SER B 249 15.65 16.25 3.67
C SER B 249 16.36 17.49 3.14
N ALA B 250 15.89 17.99 2.01
CA ALA B 250 16.55 19.13 1.40
C ALA B 250 16.04 20.43 2.04
N PRO B 251 16.92 21.34 2.41
CA PRO B 251 16.46 22.56 3.06
C PRO B 251 15.57 23.37 2.13
N SER B 252 14.56 24.01 2.70
CA SER B 252 13.67 24.87 1.94
C SER B 252 14.31 26.24 1.82
N LEU B 253 14.56 26.68 0.59
CA LEU B 253 15.25 27.94 0.39
C LEU B 253 14.31 29.13 0.32
N SER B 254 13.00 28.89 0.25
CA SER B 254 12.01 29.94 0.43
C SER B 254 10.72 29.26 0.87
N ASP B 255 9.65 30.04 1.00
CA ASP B 255 8.38 29.49 1.47
C ASP B 255 7.56 28.82 0.38
N VAL B 256 7.96 28.95 -0.89
CA VAL B 256 7.16 28.51 -2.02
C VAL B 256 8.08 28.00 -3.11
N ALA B 257 7.93 26.73 -3.49
CA ALA B 257 8.64 26.17 -4.63
C ALA B 257 7.72 26.18 -5.83
N LEU B 258 8.15 26.84 -6.91
CA LEU B 258 7.39 26.83 -8.15
C LEU B 258 7.58 25.50 -8.86
N VAL B 259 6.47 24.85 -9.22
CA VAL B 259 6.48 23.59 -9.95
C VAL B 259 5.60 23.73 -11.19
N ARG B 260 6.01 23.05 -12.26
CA ARG B 260 5.27 23.01 -13.51
C ARG B 260 4.82 21.59 -13.78
N TYR B 261 3.57 21.43 -14.23
CA TYR B 261 3.08 20.12 -14.66
C TYR B 261 3.35 19.97 -16.15
N VAL B 262 4.12 18.96 -16.52
CA VAL B 262 4.79 18.89 -17.81
C VAL B 262 4.29 17.68 -18.58
N ASN B 263 3.99 17.87 -19.86
CA ASN B 263 3.77 16.77 -20.79
C ASN B 263 5.11 16.41 -21.41
N PRO B 264 5.75 15.31 -20.99
CA PRO B 264 7.07 14.98 -21.54
C PRO B 264 7.04 14.54 -22.99
N GLU B 265 5.86 14.34 -23.57
CA GLU B 265 5.75 14.05 -25.02
C GLU B 265 5.73 15.35 -25.80
N THR B 266 4.64 16.13 -25.66
CA THR B 266 4.53 17.43 -26.33
C THR B 266 5.49 18.48 -25.75
N GLY B 267 6.29 18.13 -24.74
CA GLY B 267 7.26 19.07 -24.20
C GLY B 267 6.67 20.36 -23.69
N ARG B 268 5.38 20.38 -23.39
CA ARG B 268 4.67 21.59 -23.02
C ARG B 268 4.41 21.62 -21.52
N THR B 269 4.34 22.83 -20.98
CA THR B 269 3.87 23.05 -19.64
C THR B 269 2.36 23.24 -19.67
N LEU B 270 1.63 22.35 -19.00
CA LEU B 270 0.17 22.44 -18.99
C LEU B 270 -0.33 23.49 -18.02
N PHE B 271 0.31 23.60 -16.86
CA PHE B 271 0.00 24.63 -15.88
C PHE B 271 1.13 24.68 -14.88
N GLU B 272 1.16 25.76 -14.10
CA GLU B 272 2.11 25.91 -13.01
C GLU B 272 1.36 25.98 -11.68
N ALA B 273 2.05 25.60 -10.60
CA ALA B 273 1.49 25.60 -9.27
C ALA B 273 2.55 26.03 -8.27
N LYS B 274 2.08 26.52 -7.12
CA LYS B 274 2.94 26.81 -5.98
C LYS B 274 2.98 25.59 -5.07
N LEU B 275 4.18 25.07 -4.81
CA LEU B 275 4.36 24.03 -3.81
C LEU B 275 4.84 24.71 -2.53
N HIS B 276 3.96 24.78 -1.54
CA HIS B 276 4.22 25.54 -0.33
C HIS B 276 5.05 24.75 0.67
N ARG B 277 5.80 25.48 1.49
CA ARG B 277 6.77 24.88 2.39
C ARG B 277 6.14 23.84 3.30
N ASN B 278 4.89 24.05 3.70
CA ASN B 278 4.25 23.11 4.60
C ASN B 278 3.80 21.83 3.91
N GLY B 279 3.87 21.75 2.58
CA GLY B 279 3.53 20.53 1.90
C GLY B 279 2.15 20.51 1.27
N PHE B 280 1.85 21.51 0.43
CA PHE B 280 0.59 21.52 -0.30
C PHE B 280 0.75 22.41 -1.53
N LEU B 281 -0.17 22.25 -2.46
CA LEU B 281 -0.13 22.93 -3.74
C LEU B 281 -1.29 23.91 -3.85
N THR B 282 -1.05 25.04 -4.54
CA THR B 282 -2.12 25.92 -4.95
C THR B 282 -1.98 26.23 -6.44
N VAL B 283 -3.10 26.58 -7.06
CA VAL B 283 -3.15 26.96 -8.46
C VAL B 283 -4.09 28.15 -8.61
N ALA B 284 -3.92 28.86 -9.72
CA ALA B 284 -4.83 29.94 -10.09
C ALA B 284 -5.88 29.35 -11.02
N ARG B 285 -6.98 28.89 -10.43
CA ARG B 285 -8.05 28.24 -11.18
C ARG B 285 -9.39 28.66 -10.60
N ASN B 286 -10.27 29.18 -11.46
CA ASN B 286 -11.63 29.48 -11.05
C ASN B 286 -12.56 28.30 -11.20
N SER B 287 -12.15 27.28 -11.97
CA SER B 287 -12.97 26.09 -12.21
C SER B 287 -12.80 25.07 -11.10
N ALA B 288 -13.86 24.33 -10.83
CA ALA B 288 -13.86 23.25 -9.86
C ALA B 288 -14.00 21.91 -10.58
N GLY B 289 -13.44 20.86 -9.98
CA GLY B 289 -13.53 19.54 -10.52
C GLY B 289 -12.19 19.02 -10.98
N PRO B 290 -12.22 17.93 -11.76
CA PRO B 290 -10.96 17.27 -12.14
C PRO B 290 -10.15 18.12 -13.11
N VAL B 291 -8.86 17.85 -13.13
CA VAL B 291 -7.96 18.42 -14.13
C VAL B 291 -7.80 17.38 -15.23
N VAL B 292 -8.13 17.77 -16.45
CA VAL B 292 -7.95 16.91 -17.62
C VAL B 292 -6.51 17.09 -18.08
N ALA B 293 -5.67 16.12 -17.76
CA ALA B 293 -4.26 16.18 -18.13
C ALA B 293 -3.83 14.83 -18.68
N PRO B 294 -2.92 14.83 -19.66
CA PRO B 294 -2.47 13.56 -20.24
C PRO B 294 -1.87 12.66 -19.17
N THR B 295 -1.93 11.36 -19.45
CA THR B 295 -1.53 10.34 -18.49
C THR B 295 -0.03 10.34 -18.24
N ASN B 296 0.78 10.88 -19.15
CA ASN B 296 2.22 10.85 -18.97
C ASN B 296 2.75 12.05 -18.17
N GLY B 297 1.87 12.94 -17.71
CA GLY B 297 2.33 14.17 -17.08
C GLY B 297 2.82 14.01 -15.66
N TYR B 298 3.64 14.98 -15.23
CA TYR B 298 4.23 14.95 -13.89
C TYR B 298 4.73 16.35 -13.53
N PHE B 299 4.80 16.59 -12.23
CA PHE B 299 5.27 17.88 -11.71
C PHE B 299 6.78 17.96 -11.74
N ARG B 300 7.28 19.12 -12.16
CA ARG B 300 8.70 19.40 -12.27
C ARG B 300 9.02 20.62 -11.42
N PHE B 301 10.02 20.50 -10.54
CA PHE B 301 10.48 21.64 -9.76
C PHE B 301 11.24 22.62 -10.65
N ASP B 302 10.78 23.86 -10.70
CA ASP B 302 11.41 24.88 -11.55
C ASP B 302 12.23 25.92 -10.79
N SER B 303 11.75 26.43 -9.64
CA SER B 303 12.52 27.44 -8.91
C SER B 303 11.91 27.66 -7.53
N TRP B 304 12.71 28.26 -6.65
CA TRP B 304 12.19 28.84 -5.40
C TRP B 304 11.69 30.24 -5.69
N VAL B 305 10.45 30.53 -5.27
CA VAL B 305 9.93 31.89 -5.41
C VAL B 305 9.40 32.36 -4.06
N ASN B 306 8.67 33.47 -4.04
CA ASN B 306 8.07 33.96 -2.80
C ASN B 306 6.54 33.92 -2.92
N GLN B 307 5.88 34.32 -1.84
CA GLN B 307 4.43 34.27 -1.78
C GLN B 307 3.76 35.26 -2.70
N PHE B 308 4.50 36.23 -3.25
CA PHE B 308 3.92 37.22 -4.14
C PHE B 308 4.00 36.84 -5.61
N TYR B 309 4.58 35.69 -5.93
CA TYR B 309 4.63 35.25 -7.33
C TYR B 309 3.22 35.05 -7.86
N THR B 310 2.93 35.62 -9.02
CA THR B 310 1.61 35.49 -9.63
C THR B 310 1.59 34.31 -10.59
N LEU B 311 0.74 33.34 -10.31
CA LEU B 311 0.69 32.14 -11.14
C LEU B 311 -0.07 32.40 -12.44
N ALA B 312 0.40 31.78 -13.52
CA ALA B 312 -0.32 31.81 -14.78
C ALA B 312 -1.66 31.10 -14.62
N PRO B 313 -2.77 31.69 -15.07
CA PRO B 313 -4.07 31.06 -14.85
C PRO B 313 -4.18 29.73 -15.57
N MET B 314 -4.86 28.78 -14.93
CA MET B 314 -5.15 27.50 -15.56
C MET B 314 -6.66 27.30 -15.64
C1 TUD C . -16.94 -19.82 -0.88
C2 TUD C . -17.59 -21.11 -0.43
C3 TUD C . -17.24 -21.40 1.02
O3 TUD C . -17.81 -22.67 1.43
C4 TUD C . -15.74 -21.46 1.19
C5 TUD C . -15.06 -20.17 0.71
C6 TUD C . -13.55 -20.21 0.96
C7 TUD C . -12.75 -21.08 -0.02
O7 TUD C . -12.86 -22.46 0.35
C8 TUD C . -13.15 -20.87 -1.48
C9 TUD C . -14.70 -20.83 -1.67
C10 TUD C . -15.41 -19.81 -0.72
C11 TUD C . -15.02 -20.59 -3.15
C12 TUD C . -14.33 -21.60 -4.11
C13 TUD C . -12.82 -21.62 -3.94
C14 TUD C . -12.55 -21.91 -2.45
C15 TUD C . -11.08 -22.16 -2.41
C16 TUD C . -10.79 -22.84 -3.75
C17 TUD C . -12.05 -22.75 -4.61
C18 TUD C . -12.27 -20.26 -4.35
C19 TUD C . -14.95 -18.38 -1.01
C20 TUD C . -11.65 -22.70 -6.08
C21 TUD C . -12.83 -22.57 -7.04
C22 TUD C . -10.81 -23.94 -6.44
C23 TUD C . -10.79 -24.30 -7.93
O25 TUD C . -9.83 -25.80 -9.53
C24 TUD C . -10.06 -25.58 -8.34
N26 TUD C . -9.72 -26.38 -7.36
C25 TUD C . -9.03 -27.64 -7.57
C26 TUD C . -7.60 -27.44 -7.91
S27 TUD C . -7.06 -28.23 -9.40
O28 TUD C . -7.20 -29.65 -9.16
O29 TUD C . -5.68 -27.80 -9.59
O30 TUD C . -7.91 -27.72 -10.48
C1 EDO D . 12.53 6.49 -1.29
O1 EDO D . 13.62 6.53 -2.22
C2 EDO D . 11.84 5.14 -1.39
O2 EDO D . 10.71 5.13 -0.50
C1 EDO E . 4.77 0.68 -13.45
O1 EDO E . 4.25 1.40 -12.33
C2 EDO E . 5.76 1.54 -14.23
O2 EDO E . 5.18 2.83 -14.46
C1 EDO F . -26.93 -1.59 -3.29
O1 EDO F . -26.71 -2.21 -4.56
C2 EDO F . -28.15 -0.68 -3.40
O2 EDO F . -28.33 0.04 -2.19
C1 TUD G . -23.21 -4.46 11.13
C2 TUD G . -24.72 -4.45 11.20
C3 TUD G . -25.28 -4.35 9.80
O3 TUD G . -26.73 -4.33 9.86
C4 TUD G . -24.77 -3.10 9.14
C5 TUD G . -23.23 -3.00 9.15
C6 TUD G . -22.75 -1.73 8.46
C7 TUD G . -22.86 -0.46 9.29
O7 TUD G . -24.22 -0.01 9.31
C8 TUD G . -22.36 -0.63 10.72
C9 TUD G . -22.92 -1.91 11.38
C10 TUD G . -22.62 -3.18 10.53
C11 TUD G . -22.46 -2.02 12.83
C12 TUD G . -22.63 -0.74 13.68
C13 TUD G . -22.04 0.50 13.01
C14 TUD G . -22.70 0.58 11.61
C15 TUD G . -22.35 1.95 11.12
C16 TUD G . -22.28 2.79 12.39
C17 TUD G . -22.44 1.85 13.59
C18 TUD G . -20.54 0.40 12.90
C19 TUD G . -21.11 -3.39 10.41
C20 TUD G . -21.69 2.41 14.80
C21 TUD G . -21.84 1.60 16.07
C22 TUD G . -22.18 3.85 15.05
C23 TUD G . -21.83 4.43 16.44
O25 TUD G . -22.16 6.39 17.76
C24 TUD G . -22.53 5.73 16.79
N26 TUD G . -23.51 6.07 15.99
C25 TUD G . -24.31 7.26 16.15
C26 TUD G . -23.52 8.50 15.85
S27 TUD G . -22.94 9.37 17.28
O28 TUD G . -21.63 9.90 16.95
O29 TUD G . -22.92 8.42 18.37
O30 TUD G . -23.93 10.42 17.51
C1 EDO H . 9.91 7.26 -5.23
O1 EDO H . 8.64 6.68 -4.91
C2 EDO H . 10.24 8.37 -4.23
O2 EDO H . 11.58 8.83 -4.44
C1 EDO I . 7.25 6.88 9.94
O1 EDO I . 7.29 5.66 9.18
C2 EDO I . 8.27 6.91 11.06
O2 EDO I . 9.60 6.84 10.52
#